data_6IX9
#
_entry.id   6IX9
#
_cell.length_a   161.348
_cell.length_b   62.255
_cell.length_c   113.874
_cell.angle_alpha   90.00
_cell.angle_beta   113.49
_cell.angle_gamma   90.00
#
_symmetry.space_group_name_H-M   'C 1 2 1'
#
loop_
_entity.id
_entity.type
_entity.pdbx_description
1 polymer 'O-methyltransferase lepI'
2 non-polymer S-ADENOSYLMETHIONINE
3 non-polymer 'SODIUM ION'
4 non-polymer (6R,6aS,10S,10aR)-10-methyl-4-phenyl-6-[(1E)-prop-1-en-1-yl]-2,6,6a,7,8,9,10,10a-octahydro-1H-[2]benzopyrano[4,3-c]pyridin-1-one
5 non-polymer GLYCEROL
6 non-polymer 'CHLORIDE ION'
7 water water
#
_entity_poly.entity_id   1
_entity_poly.type   'polypeptide(L)'
_entity_poly.pdbx_seq_one_letter_code
;MGSSHHHHHHENLYFQSNAETVAAIKTLIQQLAQSTDQFGRAEINDALRELQYSLETPFDTVMRMSLDTAQVAVARIGSD
LGLFKHLSQCASPQSAEELADHLGCGRELMSRLLRYMASVRMVQQTDDIKYISSNITQTLAVPGLEAGMRHAFENLWPVL
MALPDFLAERKYPDIVDAKDTAFQKAFNTDQDCFHWLATQPTRIANFKVLLTDERTPNFLSTFPLEKELGSWSAEPEKAL
FVDIGGGMGHACIRLREKYPNQPGRVILQDLPPVLQAAQATLPLSGIESMPHNFHTPQPVQGAKFYFLRLILRDFPDHQA
LEILQNIVPAMDAESRIVIDDGVPPEKGARWAETGTDICIMSALGSKERTQRQWEELAAKAGLQLQALYQYTWPVVNAAM
VFSLQ
;
_entity_poly.pdbx_strand_id   A,B
#
loop_
_chem_comp.id
_chem_comp.type
_chem_comp.name
_chem_comp.formula
B0O non-polymer (6R,6aS,10S,10aR)-10-methyl-4-phenyl-6-[(1E)-prop-1-en-1-yl]-2,6,6a,7,8,9,10,10a-octahydro-1H-[2]benzopyrano[4,3-c]pyridin-1-one 'C22 H25 N O2'
CL non-polymer 'CHLORIDE ION' 'Cl -1'
GOL non-polymer GLYCEROL 'C3 H8 O3'
NA non-polymer 'SODIUM ION' 'Na 1'
SAM non-polymer S-ADENOSYLMETHIONINE 'C15 H22 N6 O5 S'
#
# COMPACT_ATOMS: atom_id res chain seq x y z
N SER A 17 -6.27 -28.77 -13.91
CA SER A 17 -5.64 -28.47 -12.62
C SER A 17 -5.44 -26.96 -12.45
N ASN A 18 -6.01 -26.42 -11.36
CA ASN A 18 -5.89 -24.98 -11.08
C ASN A 18 -4.44 -24.55 -10.99
N ALA A 19 -3.63 -25.31 -10.26
CA ALA A 19 -2.21 -25.00 -10.13
C ALA A 19 -1.52 -25.01 -11.49
N GLU A 20 -1.87 -25.98 -12.35
CA GLU A 20 -1.26 -26.05 -13.66
C GLU A 20 -1.66 -24.84 -14.51
N THR A 21 -2.92 -24.41 -14.42
CA THR A 21 -3.34 -23.23 -15.17
C THR A 21 -2.66 -21.97 -14.64
N VAL A 22 -2.56 -21.85 -13.31
CA VAL A 22 -1.86 -20.71 -12.74
C VAL A 22 -0.40 -20.69 -13.17
N ALA A 23 0.27 -21.84 -13.14
CA ALA A 23 1.66 -21.87 -13.58
C ALA A 23 1.79 -21.47 -15.05
N ALA A 24 0.83 -21.90 -15.89
CA ALA A 24 0.92 -21.57 -17.31
C ALA A 24 0.69 -20.08 -17.54
N ILE A 25 -0.22 -19.45 -16.77
CA ILE A 25 -0.38 -18.01 -16.82
C ILE A 25 0.94 -17.31 -16.52
N LYS A 26 1.61 -17.73 -15.45
CA LYS A 26 2.89 -17.09 -15.12
C LYS A 26 3.91 -17.28 -16.24
N THR A 27 4.00 -18.48 -16.81
CA THR A 27 4.96 -18.73 -17.89
C THR A 27 4.69 -17.81 -19.08
N LEU A 28 3.43 -17.71 -19.48
N LEU A 28 3.43 -17.73 -19.49
CA LEU A 28 3.12 -16.92 -20.67
CA LEU A 28 3.07 -16.93 -20.65
C LEU A 28 3.32 -15.43 -20.43
C LEU A 28 3.36 -15.45 -20.40
N ILE A 29 2.94 -14.92 -19.25
CA ILE A 29 3.18 -13.52 -18.95
C ILE A 29 4.68 -13.23 -18.88
N GLN A 30 5.46 -14.11 -18.24
N GLN A 30 5.46 -14.12 -18.25
CA GLN A 30 6.91 -13.90 -18.19
CA GLN A 30 6.91 -13.92 -18.18
C GLN A 30 7.51 -13.89 -19.58
C GLN A 30 7.53 -13.92 -19.56
N GLN A 31 7.07 -14.80 -20.46
CA GLN A 31 7.62 -14.85 -21.80
C GLN A 31 7.22 -13.60 -22.59
N LEU A 32 5.97 -13.12 -22.44
CA LEU A 32 5.59 -11.89 -23.13
C LEU A 32 6.39 -10.70 -22.61
N ALA A 33 6.58 -10.63 -21.29
CA ALA A 33 7.36 -9.52 -20.73
C ALA A 33 8.80 -9.57 -21.22
N GLN A 34 9.41 -10.76 -21.21
CA GLN A 34 10.84 -10.87 -21.49
C GLN A 34 11.15 -10.44 -22.91
N SER A 35 10.19 -10.55 -23.81
N SER A 35 10.21 -10.56 -23.84
CA SER A 35 10.43 -10.27 -25.22
CA SER A 35 10.50 -10.26 -25.22
C SER A 35 10.19 -8.82 -25.60
C SER A 35 10.21 -8.82 -25.63
N THR A 36 9.36 -8.07 -24.87
N THR A 36 9.41 -8.08 -24.86
CA THR A 36 9.13 -6.67 -25.18
CA THR A 36 9.15 -6.68 -25.17
C THR A 36 10.22 -5.83 -24.51
C THR A 36 10.23 -5.83 -24.50
N ASP A 37 10.05 -4.50 -24.49
CA ASP A 37 11.03 -3.61 -23.88
C ASP A 37 10.49 -3.09 -22.55
N GLN A 38 11.22 -2.14 -21.96
CA GLN A 38 10.84 -1.72 -20.62
C GLN A 38 9.47 -1.05 -20.61
N PHE A 39 9.10 -0.38 -21.70
CA PHE A 39 7.81 0.29 -21.74
C PHE A 39 6.67 -0.72 -21.90
N GLY A 40 6.88 -1.73 -22.75
CA GLY A 40 5.93 -2.82 -22.83
C GLY A 40 5.75 -3.55 -21.51
N ARG A 41 6.84 -3.74 -20.78
CA ARG A 41 6.71 -4.39 -19.47
C ARG A 41 5.97 -3.52 -18.48
N ALA A 42 6.16 -2.21 -18.54
CA ALA A 42 5.42 -1.33 -17.66
C ALA A 42 3.92 -1.36 -17.98
N GLU A 43 3.57 -1.48 -19.27
CA GLU A 43 2.16 -1.62 -19.62
C GLU A 43 1.59 -2.95 -19.11
N ILE A 44 2.34 -4.04 -19.24
CA ILE A 44 1.86 -5.31 -18.73
C ILE A 44 1.65 -5.22 -17.21
N ASN A 45 2.60 -4.64 -16.48
CA ASN A 45 2.44 -4.54 -15.03
C ASN A 45 1.21 -3.72 -14.62
N ASP A 46 0.93 -2.62 -15.30
CA ASP A 46 -0.29 -1.88 -14.99
C ASP A 46 -1.54 -2.72 -15.29
N ALA A 47 -1.51 -3.50 -16.37
CA ALA A 47 -2.64 -4.39 -16.69
C ALA A 47 -2.83 -5.45 -15.61
N LEU A 48 -1.73 -6.01 -15.08
CA LEU A 48 -1.86 -7.01 -14.02
C LEU A 48 -2.51 -6.41 -12.77
N ARG A 49 -2.15 -5.17 -12.44
CA ARG A 49 -2.78 -4.48 -11.33
C ARG A 49 -4.29 -4.23 -11.59
N GLU A 50 -4.61 -3.72 -12.79
N GLU A 50 -4.62 -3.73 -12.78
CA GLU A 50 -6.01 -3.53 -13.18
CA GLU A 50 -6.03 -3.51 -13.13
C GLU A 50 -6.81 -4.82 -13.03
C GLU A 50 -6.82 -4.82 -13.03
N LEU A 51 -6.25 -5.93 -13.51
CA LEU A 51 -6.94 -7.23 -13.40
C LEU A 51 -7.14 -7.64 -11.95
N GLN A 52 -6.10 -7.48 -11.13
N GLN A 52 -6.11 -7.50 -11.12
CA GLN A 52 -6.23 -7.80 -9.70
CA GLN A 52 -6.26 -7.81 -9.70
C GLN A 52 -7.37 -7.03 -9.06
C GLN A 52 -7.43 -7.04 -9.10
N TYR A 53 -7.47 -5.72 -9.32
CA TYR A 53 -8.53 -4.92 -8.70
C TYR A 53 -9.90 -5.32 -9.21
N SER A 54 -9.98 -5.68 -10.49
CA SER A 54 -11.28 -6.06 -11.05
C SER A 54 -11.72 -7.45 -10.58
N LEU A 55 -10.78 -8.33 -10.23
CA LEU A 55 -11.13 -9.71 -9.88
C LEU A 55 -11.24 -9.97 -8.38
N GLU A 56 -10.75 -9.07 -7.54
CA GLU A 56 -10.79 -9.31 -6.11
C GLU A 56 -12.22 -9.23 -5.61
N THR A 57 -12.49 -9.98 -4.54
CA THR A 57 -13.79 -9.91 -3.90
C THR A 57 -13.88 -8.68 -3.04
N PRO A 58 -15.09 -8.30 -2.61
CA PRO A 58 -15.20 -7.18 -1.66
C PRO A 58 -14.34 -7.37 -0.43
N PHE A 59 -14.35 -8.58 0.15
CA PHE A 59 -13.49 -8.82 1.30
C PHE A 59 -12.01 -8.65 0.95
N ASP A 60 -11.60 -9.13 -0.24
CA ASP A 60 -10.21 -8.97 -0.67
C ASP A 60 -9.82 -7.50 -0.73
N THR A 61 -10.71 -6.66 -1.25
CA THR A 61 -10.38 -5.24 -1.34
C THR A 61 -10.07 -4.69 0.04
N VAL A 62 -10.92 -4.97 1.03
CA VAL A 62 -10.67 -4.46 2.37
C VAL A 62 -9.38 -5.06 2.94
N MET A 63 -9.15 -6.36 2.71
N MET A 63 -9.15 -6.35 2.70
CA MET A 63 -7.93 -6.98 3.23
CA MET A 63 -7.94 -6.99 3.22
C MET A 63 -6.69 -6.36 2.61
C MET A 63 -6.69 -6.36 2.61
N ARG A 64 -6.72 -6.14 1.30
CA ARG A 64 -5.58 -5.50 0.63
C ARG A 64 -5.35 -4.11 1.19
N MET A 65 -6.42 -3.31 1.33
CA MET A 65 -6.25 -1.99 1.93
C MET A 65 -5.79 -2.07 3.39
N SER A 66 -6.16 -3.13 4.11
CA SER A 66 -5.72 -3.24 5.51
C SER A 66 -4.24 -3.61 5.60
N LEU A 67 -3.76 -4.45 4.68
CA LEU A 67 -2.47 -5.11 4.88
C LEU A 67 -1.34 -4.56 4.01
N ASP A 68 -1.63 -3.99 2.83
CA ASP A 68 -0.52 -3.58 1.98
C ASP A 68 0.32 -2.48 2.62
N THR A 69 -0.25 -1.72 3.55
CA THR A 69 0.49 -0.76 4.37
C THR A 69 1.67 -1.40 5.11
N ALA A 70 1.52 -2.63 5.55
CA ALA A 70 2.53 -3.29 6.35
C ALA A 70 3.82 -3.50 5.59
N GLN A 71 3.78 -3.51 4.26
CA GLN A 71 5.02 -3.72 3.49
C GLN A 71 6.04 -2.65 3.80
N VAL A 72 5.58 -1.39 3.88
CA VAL A 72 6.53 -0.29 4.12
C VAL A 72 7.10 -0.38 5.53
N ALA A 73 6.27 -0.71 6.52
CA ALA A 73 6.79 -0.87 7.88
C ALA A 73 7.78 -2.01 7.96
N VAL A 74 7.48 -3.14 7.33
CA VAL A 74 8.39 -4.28 7.41
C VAL A 74 9.66 -4.03 6.60
N ALA A 75 9.55 -3.31 5.48
CA ALA A 75 10.77 -2.90 4.76
C ALA A 75 11.62 -1.99 5.63
N ARG A 76 11.00 -1.13 6.42
CA ARG A 76 11.74 -0.26 7.33
C ARG A 76 12.50 -1.09 8.37
N ILE A 77 11.85 -2.13 8.91
CA ILE A 77 12.51 -3.00 9.89
C ILE A 77 13.68 -3.74 9.24
N GLY A 78 13.47 -4.27 8.04
CA GLY A 78 14.54 -4.97 7.35
C GLY A 78 15.73 -4.06 7.09
N SER A 79 15.44 -2.83 6.69
CA SER A 79 16.54 -1.88 6.49
C SER A 79 17.22 -1.55 7.81
N ASP A 80 16.48 -1.39 8.91
CA ASP A 80 17.10 -1.14 10.21
C ASP A 80 18.03 -2.29 10.62
N LEU A 81 17.63 -3.52 10.34
CA LEU A 81 18.44 -4.67 10.66
C LEU A 81 19.60 -4.88 9.68
N GLY A 82 19.58 -4.25 8.50
CA GLY A 82 20.58 -4.60 7.50
C GLY A 82 20.30 -5.93 6.83
N LEU A 83 19.07 -6.43 6.92
CA LEU A 83 18.72 -7.73 6.36
C LEU A 83 18.92 -7.77 4.85
N PHE A 84 18.47 -6.72 4.15
CA PHE A 84 18.45 -6.82 2.69
C PHE A 84 19.87 -6.80 2.13
N LYS A 85 20.73 -5.95 2.66
CA LYS A 85 22.11 -5.95 2.19
C LYS A 85 22.80 -7.26 2.54
N HIS A 86 22.58 -7.79 3.75
CA HIS A 86 23.18 -9.07 4.13
C HIS A 86 22.69 -10.19 3.22
N LEU A 87 21.37 -10.27 3.02
CA LEU A 87 20.85 -11.38 2.24
C LEU A 87 21.31 -11.29 0.78
N SER A 88 21.44 -10.07 0.26
CA SER A 88 21.87 -9.90 -1.13
CA SER A 88 21.87 -9.89 -1.13
C SER A 88 23.31 -10.34 -1.36
N GLN A 89 24.12 -10.43 -0.32
N GLN A 89 24.10 -10.42 -0.29
CA GLN A 89 25.48 -10.93 -0.52
CA GLN A 89 25.49 -10.86 -0.35
C GLN A 89 25.67 -12.37 -0.07
C GLN A 89 25.68 -12.34 -0.03
N CYS A 90 24.62 -13.03 0.41
CA CYS A 90 24.76 -14.43 0.81
C CYS A 90 24.82 -15.36 -0.41
N ALA A 91 25.69 -16.35 -0.35
CA ALA A 91 25.94 -17.26 -1.45
C ALA A 91 25.14 -18.55 -1.36
N SER A 92 24.35 -18.72 -0.32
CA SER A 92 23.54 -19.92 -0.17
C SER A 92 22.32 -19.55 0.64
N PRO A 93 21.26 -20.34 0.58
CA PRO A 93 20.06 -20.02 1.37
C PRO A 93 20.37 -19.99 2.85
N GLN A 94 19.71 -19.10 3.59
CA GLN A 94 19.96 -18.96 5.02
C GLN A 94 18.71 -19.32 5.81
N SER A 95 18.87 -20.02 6.93
CA SER A 95 17.70 -20.31 7.76
C SER A 95 17.29 -19.06 8.56
N ALA A 96 16.04 -19.04 9.04
CA ALA A 96 15.62 -17.91 9.86
C ALA A 96 16.49 -17.78 11.10
N GLU A 97 16.90 -18.92 11.68
N GLU A 97 16.93 -18.90 11.70
CA GLU A 97 17.76 -18.93 12.86
CA GLU A 97 17.73 -18.76 12.90
C GLU A 97 19.09 -18.28 12.57
C GLU A 97 19.14 -18.26 12.59
N GLU A 98 19.71 -18.65 11.44
CA GLU A 98 21.01 -18.10 11.06
C GLU A 98 20.92 -16.59 10.87
N LEU A 99 19.88 -16.13 10.17
CA LEU A 99 19.69 -14.70 9.96
C LEU A 99 19.45 -13.98 11.28
N ALA A 100 18.60 -14.55 12.14
CA ALA A 100 18.32 -13.92 13.42
C ALA A 100 19.60 -13.76 14.23
N ASP A 101 20.39 -14.83 14.34
CA ASP A 101 21.61 -14.75 15.15
C ASP A 101 22.59 -13.76 14.54
N HIS A 102 22.72 -13.75 13.22
CA HIS A 102 23.70 -12.85 12.61
C HIS A 102 23.28 -11.39 12.73
N LEU A 103 21.98 -11.09 12.57
CA LEU A 103 21.53 -9.69 12.56
C LEU A 103 21.13 -9.16 13.93
N GLY A 104 21.07 -10.01 14.96
CA GLY A 104 20.72 -9.52 16.28
C GLY A 104 19.22 -9.32 16.46
N CYS A 105 18.43 -10.27 15.99
CA CYS A 105 16.99 -10.19 16.07
C CYS A 105 16.46 -11.39 16.82
N GLY A 106 15.39 -11.18 17.59
CA GLY A 106 14.73 -12.31 18.22
C GLY A 106 14.40 -13.39 17.20
N ARG A 107 14.58 -14.64 17.59
CA ARG A 107 14.47 -15.73 16.63
C ARG A 107 13.04 -15.85 16.09
N GLU A 108 12.06 -15.81 16.99
CA GLU A 108 10.72 -15.98 16.43
C GLU A 108 10.25 -14.70 15.72
N LEU A 109 10.64 -13.50 16.15
CA LEU A 109 10.36 -12.29 15.39
C LEU A 109 10.95 -12.39 13.99
N MET A 110 12.21 -12.83 13.88
CA MET A 110 12.84 -12.95 12.58
C MET A 110 12.09 -13.94 11.70
N SER A 111 11.69 -15.08 12.25
CA SER A 111 10.96 -16.04 11.44
C SER A 111 9.64 -15.46 10.95
N ARG A 112 8.90 -14.75 11.80
CA ARG A 112 7.64 -14.14 11.37
C ARG A 112 7.86 -13.04 10.34
N LEU A 113 8.89 -12.20 10.52
CA LEU A 113 9.18 -11.19 9.50
C LEU A 113 9.51 -11.83 8.15
N LEU A 114 10.33 -12.89 8.15
CA LEU A 114 10.74 -13.50 6.88
C LEU A 114 9.55 -14.17 6.20
N ARG A 115 8.62 -14.76 6.98
CA ARG A 115 7.45 -15.38 6.40
C ARG A 115 6.60 -14.35 5.68
N TYR A 116 6.38 -13.21 6.34
CA TYR A 116 5.67 -12.13 5.71
C TYR A 116 6.43 -11.60 4.50
N MET A 117 7.74 -11.35 4.64
CA MET A 117 8.48 -10.82 3.51
C MET A 117 8.44 -11.76 2.31
N ALA A 118 8.52 -13.07 2.54
CA ALA A 118 8.50 -14.01 1.42
C ALA A 118 7.15 -13.98 0.71
N SER A 119 6.08 -13.73 1.46
N SER A 119 6.07 -13.76 1.47
CA SER A 119 4.75 -13.73 0.87
CA SER A 119 4.74 -13.69 0.88
C SER A 119 4.50 -12.50 -0.01
C SER A 119 4.65 -12.57 -0.15
N VAL A 120 5.34 -11.46 0.09
CA VAL A 120 5.24 -10.29 -0.79
C VAL A 120 6.53 -10.10 -1.60
N ARG A 121 7.31 -11.18 -1.72
CA ARG A 121 8.52 -11.29 -2.54
C ARG A 121 9.61 -10.31 -2.10
N MET A 122 9.52 -9.79 -0.87
CA MET A 122 10.62 -8.96 -0.40
C MET A 122 11.87 -9.81 -0.11
N VAL A 123 11.70 -11.12 0.13
CA VAL A 123 12.72 -12.15 0.01
C VAL A 123 12.05 -13.34 -0.67
N GLN A 124 12.81 -14.40 -0.96
CA GLN A 124 12.22 -15.64 -1.42
C GLN A 124 12.42 -16.74 -0.39
N GLN A 125 11.38 -17.54 -0.18
CA GLN A 125 11.46 -18.68 0.72
C GLN A 125 11.68 -19.94 -0.12
N THR A 126 12.62 -20.78 0.28
CA THR A 126 12.91 -21.98 -0.47
C THR A 126 12.05 -23.16 0.01
N ASP A 127 12.23 -24.30 -0.68
CA ASP A 127 11.39 -25.43 -0.31
C ASP A 127 11.77 -26.04 1.04
N ASP A 128 13.00 -25.89 1.52
CA ASP A 128 13.33 -26.31 2.87
C ASP A 128 13.25 -25.15 3.86
N ILE A 129 12.40 -24.17 3.58
CA ILE A 129 12.10 -23.05 4.48
C ILE A 129 13.38 -22.31 4.84
N LYS A 130 14.22 -22.06 3.86
CA LYS A 130 15.30 -21.11 4.03
C LYS A 130 15.04 -19.94 3.09
N TYR A 131 15.93 -18.94 3.12
CA TYR A 131 15.64 -17.65 2.51
C TYR A 131 16.80 -17.18 1.63
N ILE A 132 16.46 -16.60 0.48
CA ILE A 132 17.42 -16.08 -0.49
C ILE A 132 16.91 -14.72 -0.91
N SER A 133 17.79 -13.91 -1.51
CA SER A 133 17.40 -12.60 -2.02
C SER A 133 16.51 -12.74 -3.24
N SER A 134 15.59 -11.80 -3.41
CA SER A 134 14.78 -11.58 -4.59
C SER A 134 15.21 -10.28 -5.27
N ASN A 135 14.58 -9.97 -6.42
CA ASN A 135 14.83 -8.65 -7.05
C ASN A 135 14.54 -7.51 -6.07
N ILE A 136 13.50 -7.66 -5.25
CA ILE A 136 13.16 -6.61 -4.30
C ILE A 136 14.19 -6.55 -3.17
N THR A 137 14.69 -7.69 -2.72
CA THR A 137 15.72 -7.59 -1.69
C THR A 137 16.93 -6.82 -2.23
N GLN A 138 17.37 -7.10 -3.46
CA GLN A 138 18.50 -6.36 -4.03
C GLN A 138 18.19 -4.87 -4.13
N THR A 139 16.96 -4.54 -4.56
CA THR A 139 16.57 -3.14 -4.67
C THR A 139 16.67 -2.43 -3.33
N LEU A 140 16.16 -3.06 -2.27
CA LEU A 140 16.16 -2.45 -0.94
C LEU A 140 17.55 -2.37 -0.32
N ALA A 141 18.52 -3.10 -0.85
CA ALA A 141 19.91 -2.98 -0.43
C ALA A 141 20.64 -1.82 -1.10
N VAL A 142 20.10 -1.23 -2.17
CA VAL A 142 20.76 -0.11 -2.87
C VAL A 142 20.51 1.18 -2.10
N PRO A 143 21.54 1.93 -1.68
CA PRO A 143 21.30 3.06 -0.73
C PRO A 143 20.32 4.13 -1.23
N GLY A 144 20.40 4.57 -2.48
CA GLY A 144 19.43 5.56 -2.95
C GLY A 144 18.00 5.03 -3.03
N LEU A 145 17.83 3.74 -3.30
CA LEU A 145 16.48 3.17 -3.36
C LEU A 145 15.95 2.86 -1.96
N GLU A 146 16.79 2.29 -1.10
CA GLU A 146 16.38 2.16 0.30
C GLU A 146 15.99 3.51 0.87
N ALA A 147 16.69 4.60 0.53
CA ALA A 147 16.31 5.92 1.04
C ALA A 147 14.94 6.37 0.55
N GLY A 148 14.55 5.96 -0.66
CA GLY A 148 13.20 6.28 -1.12
C GLY A 148 12.14 5.60 -0.26
N MET A 149 12.37 4.32 0.07
CA MET A 149 11.41 3.66 0.95
C MET A 149 11.42 4.28 2.35
N ARG A 150 12.59 4.63 2.88
CA ARG A 150 12.58 5.25 4.20
C ARG A 150 11.91 6.62 4.16
N HIS A 151 12.04 7.35 3.05
CA HIS A 151 11.35 8.62 2.87
C HIS A 151 9.84 8.44 2.84
N ALA A 152 9.36 7.39 2.17
CA ALA A 152 7.93 7.12 2.17
C ALA A 152 7.44 6.91 3.60
N PHE A 153 8.22 6.20 4.41
CA PHE A 153 7.79 5.87 5.76
C PHE A 153 7.78 7.10 6.66
N GLU A 154 8.88 7.86 6.67
CA GLU A 154 9.02 8.93 7.65
C GLU A 154 8.48 10.28 7.18
N ASN A 155 8.38 10.55 5.88
CA ASN A 155 7.90 11.83 5.38
C ASN A 155 6.54 11.75 4.71
N LEU A 156 6.32 10.77 3.84
CA LEU A 156 5.04 10.74 3.14
C LEU A 156 3.92 10.18 4.01
N TRP A 157 4.20 9.15 4.80
N TRP A 157 4.16 9.16 4.81
CA TRP A 157 3.17 8.53 5.63
CA TRP A 157 3.07 8.56 5.56
C TRP A 157 2.53 9.52 6.59
C TRP A 157 2.49 9.51 6.62
N PRO A 158 3.28 10.29 7.38
CA PRO A 158 2.60 11.22 8.31
C PRO A 158 1.73 12.21 7.61
N VAL A 159 2.09 12.65 6.39
CA VAL A 159 1.25 13.65 5.74
CA VAL A 159 1.28 13.65 5.71
C VAL A 159 0.00 13.02 5.17
N LEU A 160 0.09 11.78 4.66
CA LEU A 160 -1.10 11.11 4.17
C LEU A 160 -2.03 10.79 5.35
N MET A 161 -1.44 10.42 6.48
N MET A 161 -1.46 10.46 6.51
CA MET A 161 -2.22 10.15 7.68
CA MET A 161 -2.30 10.13 7.64
C MET A 161 -3.02 11.38 8.14
C MET A 161 -3.03 11.36 8.20
N ALA A 162 -2.44 12.56 8.00
CA ALA A 162 -3.08 13.79 8.45
C ALA A 162 -4.10 14.33 7.44
N LEU A 163 -3.99 13.97 6.17
CA LEU A 163 -4.82 14.69 5.19
C LEU A 163 -6.32 14.46 5.36
N PRO A 164 -6.88 13.27 5.65
CA PRO A 164 -8.35 13.21 5.77
C PRO A 164 -8.91 14.15 6.83
N ASP A 165 -8.30 14.19 8.02
CA ASP A 165 -8.89 15.05 9.03
C ASP A 165 -8.54 16.51 8.79
N PHE A 166 -7.43 16.81 8.13
CA PHE A 166 -7.17 18.19 7.72
C PHE A 166 -8.26 18.68 6.77
N LEU A 167 -8.62 17.88 5.77
CA LEU A 167 -9.65 18.29 4.82
C LEU A 167 -11.01 18.41 5.50
N ALA A 168 -11.32 17.48 6.40
CA ALA A 168 -12.60 17.54 7.09
C ALA A 168 -12.70 18.82 7.91
N GLU A 169 -11.64 19.12 8.69
CA GLU A 169 -11.66 20.28 9.58
C GLU A 169 -11.78 21.57 8.80
N ARG A 170 -11.22 21.61 7.59
CA ARG A 170 -11.22 22.82 6.78
C ARG A 170 -12.31 22.83 5.71
N LYS A 171 -13.27 21.91 5.78
CA LYS A 171 -14.37 21.85 4.81
C LYS A 171 -13.86 21.73 3.37
N TYR A 172 -12.87 20.87 3.16
CA TYR A 172 -12.49 20.40 1.83
C TYR A 172 -12.10 21.56 0.91
N PRO A 173 -11.11 22.36 1.30
CA PRO A 173 -10.67 23.45 0.44
C PRO A 173 -9.83 22.95 -0.71
N ASP A 174 -9.79 23.75 -1.76
CA ASP A 174 -8.77 23.56 -2.79
C ASP A 174 -7.43 23.99 -2.21
N ILE A 175 -6.46 23.08 -2.17
CA ILE A 175 -5.16 23.38 -1.58
C ILE A 175 -4.31 24.05 -2.65
N VAL A 176 -3.82 25.27 -2.35
CA VAL A 176 -3.08 26.06 -3.31
C VAL A 176 -1.81 26.67 -2.72
N ASP A 177 -1.52 26.43 -1.44
CA ASP A 177 -0.50 27.16 -0.72
C ASP A 177 0.39 26.18 0.03
N ALA A 178 1.71 26.27 -0.18
CA ALA A 178 2.64 25.35 0.48
C ALA A 178 2.63 25.51 1.99
N LYS A 179 2.16 26.65 2.50
CA LYS A 179 2.14 26.82 3.94
C LYS A 179 0.77 26.56 4.56
N ASP A 180 -0.16 25.97 3.82
CA ASP A 180 -1.47 25.65 4.36
C ASP A 180 -1.96 24.36 3.71
N THR A 181 -1.33 23.26 4.08
CA THR A 181 -1.72 21.95 3.59
C THR A 181 -1.57 20.97 4.75
N ALA A 182 -1.58 19.66 4.45
CA ALA A 182 -1.62 18.67 5.53
C ALA A 182 -0.29 18.60 6.27
N PHE A 183 0.81 18.96 5.59
CA PHE A 183 2.13 18.93 6.19
C PHE A 183 2.16 19.65 7.54
N GLN A 184 1.53 20.81 7.62
CA GLN A 184 1.62 21.61 8.83
C GLN A 184 0.94 20.92 10.02
N LYS A 185 -0.15 20.21 9.75
N LYS A 185 -0.15 20.21 9.75
CA LYS A 185 -0.81 19.46 10.82
CA LYS A 185 -0.79 19.47 10.82
C LYS A 185 0.00 18.20 11.16
C LYS A 185 0.01 18.21 11.16
N ALA A 186 0.56 17.53 10.15
CA ALA A 186 1.31 16.30 10.39
C ALA A 186 2.56 16.54 11.25
N PHE A 187 3.25 17.66 11.02
CA PHE A 187 4.50 17.88 11.73
C PHE A 187 4.41 19.06 12.69
N ASN A 188 3.20 19.51 12.98
CA ASN A 188 2.92 20.55 13.97
C ASN A 188 3.88 21.73 13.81
N THR A 189 3.83 22.33 12.63
CA THR A 189 4.64 23.50 12.31
C THR A 189 3.82 24.48 11.49
N ASP A 190 4.28 25.73 11.42
CA ASP A 190 3.62 26.70 10.56
C ASP A 190 4.39 26.99 9.27
N GLN A 191 5.59 26.45 9.11
CA GLN A 191 6.36 26.68 7.90
C GLN A 191 6.12 25.59 6.87
N ASP A 192 6.45 25.90 5.62
CA ASP A 192 6.28 24.91 4.57
C ASP A 192 7.35 23.83 4.71
N CYS A 193 7.17 22.75 3.94
CA CYS A 193 8.01 21.57 4.07
C CYS A 193 9.48 21.92 3.92
N PHE A 194 9.81 22.70 2.89
CA PHE A 194 11.22 22.86 2.53
C PHE A 194 12.01 23.51 3.66
N HIS A 195 11.43 24.48 4.38
CA HIS A 195 12.14 25.13 5.49
C HIS A 195 12.21 24.23 6.72
N TRP A 196 11.10 23.58 7.04
CA TRP A 196 11.08 22.73 8.20
C TRP A 196 12.08 21.59 8.05
N LEU A 197 12.15 21.02 6.85
CA LEU A 197 13.14 19.99 6.62
C LEU A 197 14.56 20.54 6.68
N ALA A 198 14.77 21.82 6.36
CA ALA A 198 16.08 22.40 6.59
C ALA A 198 16.59 22.15 8.00
N THR A 199 15.69 22.02 8.99
CA THR A 199 16.23 21.98 10.34
C THR A 199 16.33 20.59 10.98
N GLN A 200 16.13 19.48 10.26
CA GLN A 200 16.10 18.17 10.93
C GLN A 200 17.19 17.21 10.41
N PRO A 201 18.17 16.85 11.24
CA PRO A 201 19.32 16.04 10.76
C PRO A 201 19.04 14.68 10.11
N THR A 202 18.43 13.72 10.83
CA THR A 202 18.15 12.40 10.23
C THR A 202 17.46 12.55 8.86
N ARG A 203 16.41 13.39 8.83
CA ARG A 203 15.76 13.78 7.59
C ARG A 203 16.77 14.19 6.53
N ILE A 204 17.66 15.15 6.85
CA ILE A 204 18.56 15.65 5.82
C ILE A 204 19.50 14.55 5.33
N ALA A 205 20.01 13.69 6.23
CA ALA A 205 20.93 12.65 5.76
C ALA A 205 20.24 11.72 4.75
N ASN A 206 18.97 11.37 5.01
CA ASN A 206 18.27 10.48 4.11
C ASN A 206 17.95 11.19 2.80
N PHE A 207 17.43 12.42 2.89
CA PHE A 207 17.27 13.26 1.71
C PHE A 207 18.55 13.26 0.88
N LYS A 208 19.70 13.49 1.54
CA LYS A 208 20.98 13.52 0.83
C LYS A 208 21.19 12.28 -0.02
N VAL A 209 21.00 11.10 0.57
CA VAL A 209 21.16 9.87 -0.18
C VAL A 209 20.15 9.79 -1.32
N LEU A 210 18.95 10.33 -1.11
CA LEU A 210 17.92 10.32 -2.17
C LEU A 210 18.42 10.95 -3.46
N LEU A 211 19.25 12.00 -3.35
CA LEU A 211 19.71 12.68 -4.54
C LEU A 211 20.60 11.79 -5.40
N THR A 212 21.16 10.72 -4.83
CA THR A 212 22.04 9.84 -5.60
C THR A 212 21.28 8.82 -6.44
N ASP A 213 19.96 8.71 -6.29
CA ASP A 213 19.18 7.76 -7.08
C ASP A 213 18.86 8.36 -8.44
N GLU A 214 19.61 7.95 -9.46
CA GLU A 214 19.37 8.44 -10.81
C GLU A 214 18.28 7.65 -11.52
N ARG A 215 17.28 8.35 -12.06
N ARG A 215 17.29 8.34 -12.07
CA ARG A 215 16.20 7.67 -12.75
CA ARG A 215 16.23 7.65 -12.78
C ARG A 215 16.62 7.27 -14.17
C ARG A 215 16.68 7.24 -14.18
N THR A 216 16.12 6.13 -14.63
N THR A 216 16.16 6.10 -14.64
CA THR A 216 16.36 5.65 -15.98
CA THR A 216 16.38 5.64 -16.00
C THR A 216 15.01 5.25 -16.58
C THR A 216 15.03 5.24 -16.60
N PRO A 217 14.78 5.53 -17.87
CA PRO A 217 15.70 6.24 -18.78
C PRO A 217 15.64 7.75 -18.51
N ASN A 218 16.41 8.54 -19.24
CA ASN A 218 16.40 9.98 -19.08
C ASN A 218 16.14 10.66 -20.44
N PHE A 219 15.98 11.98 -20.40
CA PHE A 219 15.51 12.71 -21.56
C PHE A 219 16.44 12.59 -22.77
N LEU A 220 17.72 12.30 -22.56
CA LEU A 220 18.65 12.20 -23.69
C LEU A 220 18.39 10.99 -24.57
N SER A 221 17.57 10.04 -24.12
CA SER A 221 17.07 8.91 -24.92
C SER A 221 16.38 9.39 -26.20
N THR A 222 15.61 10.47 -26.06
CA THR A 222 14.72 10.93 -27.13
C THR A 222 14.94 12.37 -27.54
N PHE A 223 15.75 13.13 -26.80
CA PHE A 223 15.89 14.55 -27.07
C PHE A 223 16.76 14.77 -28.31
N PRO A 224 16.23 15.38 -29.37
CA PRO A 224 17.02 15.53 -30.61
C PRO A 224 17.92 16.76 -30.47
N LEU A 225 19.06 16.54 -29.82
CA LEU A 225 19.90 17.66 -29.40
C LEU A 225 20.40 18.45 -30.61
N GLU A 226 20.92 17.75 -31.62
CA GLU A 226 21.45 18.48 -32.78
C GLU A 226 20.34 19.28 -33.50
N LYS A 227 19.16 18.71 -33.60
CA LYS A 227 18.03 19.43 -34.18
C LYS A 227 17.69 20.69 -33.36
N GLU A 228 17.64 20.55 -32.03
CA GLU A 228 17.27 21.69 -31.18
C GLU A 228 18.36 22.76 -31.14
N LEU A 229 19.62 22.37 -31.35
CA LEU A 229 20.70 23.36 -31.39
C LEU A 229 20.51 24.33 -32.54
N GLY A 230 20.08 23.83 -33.70
CA GLY A 230 20.13 24.61 -34.92
C GLY A 230 21.54 25.13 -35.19
N SER A 231 21.61 26.39 -35.57
CA SER A 231 22.90 27.00 -35.87
C SER A 231 23.48 27.76 -34.69
N TRP A 232 22.91 27.59 -33.49
CA TRP A 232 23.47 28.20 -32.28
C TRP A 232 24.96 27.94 -32.22
N SER A 233 25.72 28.94 -31.79
N SER A 233 25.72 28.95 -31.78
CA SER A 233 27.15 28.78 -31.66
CA SER A 233 27.16 28.80 -31.65
C SER A 233 27.56 28.97 -30.22
C SER A 233 27.57 28.98 -30.20
N ALA A 234 28.47 28.11 -29.75
CA ALA A 234 29.07 28.24 -28.44
C ALA A 234 30.12 29.33 -28.41
N GLU A 235 30.52 29.88 -29.58
CA GLU A 235 31.57 30.89 -29.49
C GLU A 235 30.97 32.23 -29.06
N PRO A 236 31.72 33.04 -28.29
CA PRO A 236 33.06 32.78 -27.75
C PRO A 236 33.11 31.77 -26.62
N GLU A 237 32.27 31.94 -25.58
CA GLU A 237 32.34 31.10 -24.39
C GLU A 237 30.95 30.86 -23.83
N LYS A 238 29.98 30.59 -24.68
CA LYS A 238 28.61 30.47 -24.21
C LYS A 238 28.37 29.10 -23.56
N ALA A 239 27.27 29.03 -22.79
CA ALA A 239 26.86 27.80 -22.12
C ALA A 239 25.89 27.01 -22.97
N LEU A 240 26.19 25.72 -23.19
CA LEU A 240 25.24 24.81 -23.82
C LEU A 240 24.08 24.48 -22.88
N PHE A 241 24.38 24.26 -21.59
CA PHE A 241 23.43 23.60 -20.70
C PHE A 241 23.63 24.12 -19.28
N VAL A 242 22.58 24.65 -18.67
CA VAL A 242 22.59 25.15 -17.30
C VAL A 242 21.56 24.33 -16.54
N ASP A 243 22.02 23.45 -15.66
CA ASP A 243 21.15 22.49 -14.97
C ASP A 243 20.74 23.10 -13.62
N ILE A 244 19.55 23.68 -13.60
CA ILE A 244 19.10 24.52 -12.49
C ILE A 244 18.46 23.65 -11.40
N GLY A 245 19.03 23.69 -10.20
CA GLY A 245 18.64 22.70 -9.21
C GLY A 245 19.05 21.30 -9.62
N GLY A 246 20.24 21.15 -10.20
CA GLY A 246 20.66 19.89 -10.78
C GLY A 246 21.10 18.81 -9.82
N GLY A 247 21.11 19.08 -8.51
CA GLY A 247 21.42 18.03 -7.55
C GLY A 247 22.84 17.49 -7.73
N MET A 248 22.96 16.17 -7.90
CA MET A 248 24.27 15.56 -8.12
C MET A 248 24.77 15.75 -9.56
N GLY A 249 24.01 16.42 -10.42
CA GLY A 249 24.48 16.72 -11.76
C GLY A 249 24.34 15.59 -12.75
N HIS A 250 23.44 14.63 -12.48
CA HIS A 250 23.29 13.49 -13.39
C HIS A 250 22.97 13.94 -14.81
N ALA A 251 22.14 14.98 -14.97
CA ALA A 251 21.83 15.42 -16.34
C ALA A 251 23.09 15.91 -17.05
N CYS A 252 23.93 16.66 -16.32
CA CYS A 252 25.18 17.16 -16.91
C CYS A 252 26.12 16.02 -17.27
N ILE A 253 26.25 15.04 -16.37
CA ILE A 253 27.11 13.89 -16.61
C ILE A 253 26.67 13.13 -17.87
N ARG A 254 25.37 12.79 -17.95
CA ARG A 254 24.88 12.07 -19.12
C ARG A 254 24.97 12.88 -20.41
N LEU A 255 24.79 14.20 -20.34
CA LEU A 255 24.93 15.04 -21.52
C LEU A 255 26.35 14.97 -22.06
N ARG A 256 27.34 15.12 -21.19
N ARG A 256 27.34 15.12 -21.17
CA ARG A 256 28.73 15.04 -21.63
CA ARG A 256 28.75 15.03 -21.59
C ARG A 256 29.08 13.63 -22.11
C ARG A 256 29.08 13.63 -22.09
N GLU A 257 28.45 12.60 -21.53
CA GLU A 257 28.72 11.25 -21.94
C GLU A 257 28.22 11.01 -23.37
N LYS A 258 27.01 11.50 -23.67
CA LYS A 258 26.46 11.15 -24.97
C LYS A 258 26.94 12.13 -26.05
N TYR A 259 27.33 13.35 -25.69
CA TYR A 259 27.77 14.36 -26.65
C TYR A 259 29.13 14.89 -26.20
N PRO A 260 30.15 14.03 -26.21
CA PRO A 260 31.40 14.40 -25.54
C PRO A 260 32.18 15.49 -26.23
N ASN A 261 31.94 15.76 -27.51
N ASN A 261 31.91 15.76 -27.50
CA ASN A 261 32.68 16.83 -28.19
CA ASN A 261 32.64 16.76 -28.26
C ASN A 261 31.73 17.90 -28.74
C ASN A 261 31.76 17.93 -28.69
N GLN A 262 30.57 18.06 -28.13
CA GLN A 262 29.74 19.22 -28.46
C GLN A 262 30.25 20.44 -27.69
N PRO A 263 30.46 21.56 -28.37
CA PRO A 263 31.04 22.73 -27.68
C PRO A 263 30.03 23.42 -26.77
N GLY A 264 30.56 24.12 -25.75
CA GLY A 264 29.72 24.93 -24.90
C GLY A 264 29.81 24.57 -23.42
N ARG A 265 29.67 25.57 -22.55
CA ARG A 265 29.77 25.34 -21.12
C ARG A 265 28.63 24.43 -20.67
N VAL A 266 28.92 23.53 -19.72
CA VAL A 266 27.89 22.74 -19.05
C VAL A 266 28.03 23.01 -17.56
N ILE A 267 26.94 23.52 -16.97
CA ILE A 267 27.01 24.17 -15.68
C ILE A 267 25.96 23.53 -14.78
N LEU A 268 26.41 23.03 -13.63
CA LEU A 268 25.50 22.52 -12.60
C LEU A 268 25.26 23.62 -11.58
N GLN A 269 24.00 23.99 -11.38
CA GLN A 269 23.63 25.01 -10.40
C GLN A 269 22.80 24.38 -9.28
N ASP A 270 23.22 24.59 -8.03
CA ASP A 270 22.47 24.14 -6.87
C ASP A 270 22.96 24.91 -5.65
N LEU A 271 22.46 24.57 -4.47
CA LEU A 271 22.93 25.24 -3.26
C LEU A 271 24.28 24.68 -2.81
N PRO A 272 25.06 25.45 -2.05
CA PRO A 272 26.45 25.05 -1.78
C PRO A 272 26.56 23.66 -1.16
N PRO A 273 25.72 23.29 -0.18
CA PRO A 273 25.90 21.94 0.41
C PRO A 273 25.66 20.82 -0.57
N VAL A 274 24.76 20.98 -1.53
CA VAL A 274 24.51 19.94 -2.51
C VAL A 274 25.69 19.86 -3.49
N LEU A 275 26.18 21.01 -3.96
CA LEU A 275 27.33 20.94 -4.86
C LEU A 275 28.55 20.34 -4.16
N GLN A 276 28.80 20.62 -2.88
CA GLN A 276 29.91 19.93 -2.22
C GLN A 276 29.69 18.42 -2.20
N ALA A 277 28.45 17.97 -1.99
CA ALA A 277 28.17 16.53 -2.06
C ALA A 277 28.38 15.97 -3.46
N ALA A 278 28.20 16.81 -4.49
CA ALA A 278 28.30 16.31 -5.87
C ALA A 278 29.74 16.14 -6.34
N GLN A 279 30.69 16.83 -5.71
CA GLN A 279 32.08 16.83 -6.18
C GLN A 279 32.67 15.43 -6.22
N ALA A 280 32.36 14.59 -5.23
CA ALA A 280 32.93 13.24 -5.18
C ALA A 280 32.66 12.47 -6.47
N THR A 281 31.49 12.65 -7.08
CA THR A 281 31.13 11.90 -8.28
C THR A 281 31.06 12.73 -9.55
N LEU A 282 31.45 14.00 -9.53
CA LEU A 282 31.48 14.70 -10.81
C LEU A 282 32.76 14.38 -11.57
N PRO A 283 32.74 14.45 -12.90
CA PRO A 283 33.97 14.30 -13.67
C PRO A 283 35.00 15.36 -13.29
N LEU A 284 36.27 15.05 -13.52
CA LEU A 284 37.33 15.96 -13.09
C LEU A 284 37.35 17.26 -13.89
N SER A 285 36.75 17.30 -15.07
CA SER A 285 36.68 18.52 -15.86
C SER A 285 35.46 18.42 -16.78
N GLY A 286 35.10 19.56 -17.37
CA GLY A 286 34.02 19.61 -18.32
C GLY A 286 32.67 20.01 -17.75
N ILE A 287 32.49 19.98 -16.43
CA ILE A 287 31.23 20.40 -15.79
C ILE A 287 31.56 21.40 -14.70
N GLU A 288 31.00 22.61 -14.80
CA GLU A 288 31.21 23.63 -13.78
C GLU A 288 30.18 23.51 -12.69
N SER A 289 30.63 23.69 -11.45
CA SER A 289 29.74 23.71 -10.29
C SER A 289 29.57 25.17 -9.87
N MET A 290 28.35 25.69 -9.99
CA MET A 290 28.11 27.11 -9.71
C MET A 290 27.01 27.26 -8.67
N PRO A 291 27.31 27.80 -7.49
CA PRO A 291 26.25 27.98 -6.49
C PRO A 291 25.23 29.00 -6.95
N HIS A 292 23.96 28.64 -6.87
CA HIS A 292 22.91 29.56 -7.29
C HIS A 292 21.59 29.16 -6.66
N ASN A 293 20.91 30.10 -6.02
CA ASN A 293 19.56 29.93 -5.52
C ASN A 293 18.58 30.26 -6.64
N PHE A 294 17.73 29.30 -7.03
CA PHE A 294 16.90 29.56 -8.20
C PHE A 294 15.72 30.50 -7.91
N HIS A 295 15.61 31.01 -6.69
CA HIS A 295 14.74 32.14 -6.39
C HIS A 295 15.39 33.49 -6.64
N THR A 296 16.59 33.53 -7.23
CA THR A 296 17.27 34.78 -7.59
C THR A 296 17.46 34.83 -9.09
N PRO A 297 17.80 36.00 -9.66
CA PRO A 297 18.00 36.06 -11.13
C PRO A 297 19.12 35.14 -11.61
N GLN A 298 18.87 34.51 -12.76
CA GLN A 298 19.81 33.57 -13.37
C GLN A 298 21.08 34.30 -13.80
N PRO A 299 22.26 33.92 -13.32
CA PRO A 299 23.47 34.65 -13.72
C PRO A 299 24.04 34.30 -15.08
N VAL A 300 23.79 33.11 -15.63
CA VAL A 300 24.41 32.73 -16.90
C VAL A 300 23.53 33.25 -18.04
N GLN A 301 24.10 34.12 -18.89
CA GLN A 301 23.31 34.79 -19.91
C GLN A 301 23.48 34.13 -21.27
N GLY A 302 22.35 34.02 -21.98
CA GLY A 302 22.31 33.50 -23.34
C GLY A 302 22.69 32.04 -23.51
N ALA A 303 22.46 31.20 -22.50
CA ALA A 303 22.72 29.78 -22.67
C ALA A 303 21.74 29.18 -23.68
N LYS A 304 22.12 28.05 -24.28
CA LYS A 304 21.19 27.40 -25.20
C LYS A 304 20.03 26.77 -24.44
N PHE A 305 20.32 25.98 -23.39
CA PHE A 305 19.28 25.26 -22.64
C PHE A 305 19.39 25.62 -21.15
N TYR A 306 18.29 26.14 -20.59
CA TYR A 306 18.13 26.25 -19.13
C TYR A 306 17.21 25.10 -18.72
N PHE A 307 17.74 24.16 -17.92
CA PHE A 307 17.13 22.86 -17.70
C PHE A 307 16.60 22.74 -16.27
N LEU A 308 15.33 22.36 -16.13
CA LEU A 308 14.66 22.22 -14.83
C LEU A 308 13.98 20.85 -14.80
N ARG A 309 14.63 19.88 -14.16
CA ARG A 309 14.09 18.52 -14.10
C ARG A 309 13.56 18.27 -12.69
N LEU A 310 12.26 17.97 -12.63
CA LEU A 310 11.57 17.63 -11.39
C LEU A 310 11.74 18.74 -10.34
N ILE A 311 11.73 19.99 -10.80
CA ILE A 311 11.84 21.16 -9.95
C ILE A 311 10.45 21.76 -9.76
N LEU A 312 9.81 22.14 -10.88
CA LEU A 312 8.58 22.92 -10.80
C LEU A 312 7.40 22.13 -10.23
N ARG A 313 7.40 20.80 -10.35
CA ARG A 313 6.33 20.01 -9.77
CA ARG A 313 6.31 19.99 -9.76
C ARG A 313 6.21 20.19 -8.26
N ASP A 314 7.30 20.65 -7.61
CA ASP A 314 7.32 20.78 -6.15
C ASP A 314 6.79 22.13 -5.67
N PHE A 315 6.30 22.97 -6.58
CA PHE A 315 5.89 24.32 -6.24
C PHE A 315 4.49 24.61 -6.77
N PRO A 316 3.64 25.28 -6.00
CA PRO A 316 2.39 25.80 -6.55
C PRO A 316 2.68 26.84 -7.63
N ASP A 317 1.65 27.16 -8.42
CA ASP A 317 1.93 27.98 -9.60
C ASP A 317 2.55 29.33 -9.25
N HIS A 318 2.15 29.99 -8.15
CA HIS A 318 2.75 31.29 -7.84
C HIS A 318 4.27 31.20 -7.73
N GLN A 319 4.76 30.20 -7.00
CA GLN A 319 6.20 30.04 -6.79
C GLN A 319 6.89 29.47 -8.03
N ALA A 320 6.22 28.58 -8.77
CA ALA A 320 6.81 28.05 -9.99
C ALA A 320 6.97 29.15 -11.03
N LEU A 321 5.98 30.04 -11.09
CA LEU A 321 6.07 31.20 -11.97
C LEU A 321 7.30 32.04 -11.60
N GLU A 322 7.52 32.27 -10.30
CA GLU A 322 8.66 33.14 -9.96
C GLU A 322 9.98 32.47 -10.31
N ILE A 323 10.07 31.14 -10.27
CA ILE A 323 11.31 30.48 -10.67
C ILE A 323 11.58 30.69 -12.16
N LEU A 324 10.53 30.60 -12.99
CA LEU A 324 10.67 30.84 -14.42
C LEU A 324 11.00 32.31 -14.72
N GLN A 325 10.32 33.24 -14.03
CA GLN A 325 10.59 34.67 -14.24
C GLN A 325 12.01 35.06 -13.87
N ASN A 326 12.66 34.31 -12.97
CA ASN A 326 14.06 34.63 -12.70
C ASN A 326 14.99 34.17 -13.81
N ILE A 327 14.53 33.31 -14.72
CA ILE A 327 15.35 32.81 -15.83
C ILE A 327 15.15 33.64 -17.09
N VAL A 328 13.90 33.98 -17.38
CA VAL A 328 13.54 34.64 -18.65
C VAL A 328 14.43 35.84 -18.97
N PRO A 329 14.76 36.75 -18.03
CA PRO A 329 15.63 37.89 -18.42
C PRO A 329 17.01 37.50 -18.92
N ALA A 330 17.50 36.29 -18.61
CA ALA A 330 18.81 35.85 -19.07
C ALA A 330 18.78 35.28 -20.49
N MET A 331 17.59 35.03 -21.04
CA MET A 331 17.42 34.38 -22.34
C MET A 331 17.70 35.33 -23.50
N ASP A 332 18.38 34.85 -24.52
CA ASP A 332 18.36 35.53 -25.81
C ASP A 332 17.46 34.73 -26.75
N ALA A 333 17.38 35.17 -28.01
CA ALA A 333 16.39 34.61 -28.94
C ALA A 333 16.56 33.10 -29.11
N GLU A 334 17.80 32.62 -29.07
N GLU A 334 17.81 32.62 -29.06
CA GLU A 334 18.07 31.20 -29.25
CA GLU A 334 18.06 31.20 -29.24
C GLU A 334 18.00 30.41 -27.95
C GLU A 334 17.99 30.40 -27.95
N SER A 335 17.90 31.06 -26.80
CA SER A 335 17.81 30.34 -25.53
C SER A 335 16.47 29.60 -25.44
N ARG A 336 16.50 28.45 -24.76
CA ARG A 336 15.29 27.68 -24.44
C ARG A 336 15.29 27.34 -22.97
N ILE A 337 14.10 27.33 -22.35
CA ILE A 337 13.93 26.70 -21.05
C ILE A 337 13.41 25.29 -21.31
N VAL A 338 14.08 24.29 -20.74
CA VAL A 338 13.65 22.90 -20.89
C VAL A 338 13.09 22.45 -19.56
N ILE A 339 11.78 22.20 -19.50
CA ILE A 339 11.16 21.67 -18.30
C ILE A 339 11.04 20.16 -18.48
N ASP A 340 11.73 19.39 -17.63
CA ASP A 340 11.66 17.94 -17.74
C ASP A 340 10.90 17.44 -16.51
N ASP A 341 9.70 16.94 -16.75
CA ASP A 341 8.81 16.71 -15.61
C ASP A 341 7.65 15.83 -16.08
N GLY A 342 6.79 15.47 -15.13
CA GLY A 342 5.62 14.65 -15.48
C GLY A 342 4.61 15.46 -16.28
N VAL A 343 4.02 14.81 -17.29
CA VAL A 343 3.00 15.45 -18.12
C VAL A 343 1.82 14.48 -18.23
N PRO A 344 1.06 14.31 -17.16
CA PRO A 344 -0.03 13.34 -17.19
C PRO A 344 -1.06 13.72 -18.24
N PRO A 345 -1.78 12.75 -18.77
CA PRO A 345 -2.81 13.04 -19.77
C PRO A 345 -4.05 13.66 -19.14
N GLU A 346 -4.91 14.16 -20.03
CA GLU A 346 -6.18 14.76 -19.62
C GLU A 346 -7.12 13.75 -19.01
N LYS A 347 -7.05 12.50 -19.49
CA LYS A 347 -7.87 11.45 -18.94
C LYS A 347 -7.08 10.15 -18.99
N GLY A 348 -7.51 9.18 -18.18
CA GLY A 348 -6.83 7.90 -18.08
C GLY A 348 -5.45 7.97 -17.45
N ALA A 349 -5.21 8.95 -16.59
CA ALA A 349 -3.88 9.03 -15.96
C ALA A 349 -3.68 7.83 -15.03
N ARG A 350 -2.41 7.37 -14.96
CA ARG A 350 -2.04 6.15 -14.25
C ARG A 350 -1.79 6.43 -12.77
N TRP A 351 -1.77 5.34 -11.98
CA TRP A 351 -1.67 5.51 -10.52
C TRP A 351 -0.36 6.16 -10.11
N ALA A 352 0.74 5.94 -10.85
CA ALA A 352 1.98 6.56 -10.40
C ALA A 352 1.95 8.07 -10.58
N GLU A 353 1.18 8.58 -11.53
CA GLU A 353 1.20 10.01 -11.73
C GLU A 353 0.01 10.69 -11.04
N THR A 354 -1.00 9.96 -10.58
CA THR A 354 -2.03 10.61 -9.77
C THR A 354 -1.76 10.45 -8.28
N GLY A 355 -1.13 9.34 -7.88
CA GLY A 355 -0.70 9.21 -6.49
C GLY A 355 0.34 10.25 -6.13
N THR A 356 1.27 10.53 -7.06
CA THR A 356 2.23 11.59 -6.80
CA THR A 356 2.24 11.60 -6.82
C THR A 356 1.52 12.92 -6.61
N ASP A 357 0.50 13.18 -7.43
CA ASP A 357 -0.27 14.43 -7.31
C ASP A 357 -0.89 14.58 -5.93
N ILE A 358 -1.48 13.52 -5.37
CA ILE A 358 -2.05 13.61 -4.02
C ILE A 358 -0.96 13.82 -2.97
N CYS A 359 0.18 13.14 -3.15
CA CYS A 359 1.22 13.31 -2.12
C CYS A 359 1.86 14.68 -2.18
N ILE A 360 2.13 15.24 -3.36
CA ILE A 360 2.75 16.57 -3.37
C ILE A 360 1.73 17.64 -3.00
N MET A 361 0.44 17.41 -3.26
CA MET A 361 -0.55 18.36 -2.75
C MET A 361 -0.52 18.39 -1.21
N SER A 362 -0.41 17.22 -0.59
CA SER A 362 -0.44 16.99 0.86
C SER A 362 0.75 17.64 1.55
N ALA A 363 1.93 17.43 0.97
CA ALA A 363 3.19 17.83 1.58
C ALA A 363 3.63 19.22 1.15
N LEU A 364 3.47 19.54 -0.13
CA LEU A 364 4.08 20.75 -0.72
C LEU A 364 3.06 21.77 -1.18
N GLY A 365 1.76 21.43 -1.21
CA GLY A 365 0.77 22.31 -1.80
C GLY A 365 0.81 22.42 -3.31
N SER A 366 1.56 21.57 -3.99
CA SER A 366 1.74 21.69 -5.43
C SER A 366 0.89 20.65 -6.16
N LYS A 367 1.22 20.35 -7.41
CA LYS A 367 0.33 19.55 -8.25
C LYS A 367 1.11 19.00 -9.44
N GLU A 368 0.63 17.88 -9.98
CA GLU A 368 1.06 17.47 -11.31
C GLU A 368 0.32 18.32 -12.33
N ARG A 369 0.95 18.54 -13.48
CA ARG A 369 0.34 19.42 -14.48
C ARG A 369 0.26 18.70 -15.82
N THR A 370 -0.94 18.76 -16.41
CA THR A 370 -1.11 18.34 -17.78
C THR A 370 -0.32 19.26 -18.71
N GLN A 371 -0.25 18.85 -19.98
CA GLN A 371 0.43 19.69 -20.95
C GLN A 371 -0.22 21.07 -21.03
N ARG A 372 -1.56 21.12 -21.01
CA ARG A 372 -2.23 22.42 -21.11
C ARG A 372 -1.94 23.28 -19.89
N GLN A 373 -1.82 22.66 -18.71
CA GLN A 373 -1.51 23.42 -17.49
C GLN A 373 -0.05 23.91 -17.50
N TRP A 374 0.87 23.12 -18.03
CA TRP A 374 2.25 23.60 -18.21
C TRP A 374 2.28 24.79 -19.16
N GLU A 375 1.53 24.71 -20.27
CA GLU A 375 1.53 25.80 -21.23
C GLU A 375 0.92 27.06 -20.64
N GLU A 376 -0.14 26.92 -19.83
CA GLU A 376 -0.71 28.09 -19.18
C GLU A 376 0.28 28.71 -18.20
N LEU A 377 0.97 27.88 -17.40
CA LEU A 377 1.97 28.43 -16.48
C LEU A 377 3.09 29.14 -17.25
N ALA A 378 3.65 28.49 -18.27
CA ALA A 378 4.74 29.09 -19.02
C ALA A 378 4.30 30.38 -19.72
N ALA A 379 3.06 30.43 -20.21
CA ALA A 379 2.58 31.66 -20.86
C ALA A 379 2.59 32.87 -19.92
N LYS A 380 2.29 32.65 -18.65
CA LYS A 380 2.36 33.72 -17.66
C LYS A 380 3.77 34.25 -17.48
N ALA A 381 4.79 33.46 -17.82
CA ALA A 381 6.18 33.85 -17.77
C ALA A 381 6.68 34.38 -19.10
N GLY A 382 5.81 34.51 -20.08
CA GLY A 382 6.19 35.02 -21.38
C GLY A 382 6.77 33.99 -22.31
N LEU A 383 6.39 32.71 -22.13
CA LEU A 383 7.02 31.59 -22.80
C LEU A 383 6.01 30.84 -23.66
N GLN A 384 6.50 30.20 -24.72
N GLN A 384 6.48 30.25 -24.76
CA GLN A 384 5.70 29.45 -25.67
CA GLN A 384 5.65 29.44 -25.64
C GLN A 384 6.32 28.08 -25.88
C GLN A 384 6.30 28.08 -25.86
N LEU A 385 5.48 27.04 -25.87
CA LEU A 385 5.94 25.67 -26.10
C LEU A 385 6.39 25.50 -27.55
N GLN A 386 7.61 25.06 -27.79
CA GLN A 386 8.13 24.78 -29.13
C GLN A 386 8.05 23.31 -29.49
N ALA A 387 8.34 22.43 -28.52
CA ALA A 387 8.44 21.00 -28.77
C ALA A 387 8.28 20.26 -27.45
N LEU A 388 7.79 19.03 -27.54
CA LEU A 388 7.65 18.17 -26.36
C LEU A 388 8.21 16.81 -26.73
N TYR A 389 9.20 16.33 -25.97
CA TYR A 389 9.87 15.07 -26.25
C TYR A 389 9.67 14.08 -25.10
N GLN A 390 8.69 13.21 -25.27
N GLN A 390 8.69 13.21 -25.27
CA GLN A 390 8.41 12.20 -24.26
CA GLN A 390 8.43 12.18 -24.27
C GLN A 390 9.55 11.17 -24.24
C GLN A 390 9.57 11.18 -24.23
N TYR A 391 9.85 10.66 -23.03
CA TYR A 391 10.89 9.64 -22.92
C TYR A 391 10.55 8.49 -21.98
N THR A 392 9.39 8.51 -21.33
CA THR A 392 8.88 7.37 -20.58
C THR A 392 7.44 7.12 -20.99
N TRP A 393 7.01 5.87 -20.83
CA TRP A 393 5.68 5.37 -21.16
C TRP A 393 5.40 4.19 -20.26
N PRO A 394 4.15 3.97 -19.83
CA PRO A 394 2.96 4.79 -20.11
C PRO A 394 2.85 6.05 -19.24
N VAL A 395 3.52 6.08 -18.09
CA VAL A 395 3.55 7.31 -17.28
C VAL A 395 4.43 8.32 -17.99
N VAL A 396 3.90 9.51 -18.23
CA VAL A 396 4.53 10.49 -19.13
C VAL A 396 5.53 11.35 -18.38
N ASN A 397 6.79 11.21 -18.73
CA ASN A 397 7.85 12.18 -18.46
C ASN A 397 8.31 12.71 -19.79
N ALA A 398 8.53 14.01 -19.90
CA ALA A 398 8.88 14.60 -21.17
C ALA A 398 9.77 15.82 -20.94
N ALA A 399 10.66 16.10 -21.89
CA ALA A 399 11.38 17.36 -21.93
C ALA A 399 10.57 18.32 -22.79
N MET A 400 9.98 19.34 -22.16
CA MET A 400 9.21 20.38 -22.84
C MET A 400 10.14 21.56 -23.13
N VAL A 401 10.22 21.97 -24.39
CA VAL A 401 11.15 23.03 -24.81
C VAL A 401 10.35 24.31 -25.05
N PHE A 402 10.63 25.34 -24.23
CA PHE A 402 9.96 26.63 -24.30
C PHE A 402 10.92 27.70 -24.80
N SER A 403 10.40 28.59 -25.65
CA SER A 403 10.96 29.77 -26.28
C SER A 403 10.40 31.05 -25.64
N LEU A 404 11.05 32.19 -25.80
CA LEU A 404 10.38 33.46 -25.57
C LEU A 404 9.18 33.60 -26.52
N GLN A 405 8.10 34.18 -26.00
CA GLN A 405 6.92 34.51 -26.81
C GLN A 405 7.26 35.50 -27.92
N SER B 17 -0.66 -2.43 -30.59
CA SER B 17 0.09 -3.68 -30.63
C SER B 17 0.58 -4.06 -29.25
N ASN B 18 1.43 -3.22 -28.66
CA ASN B 18 1.58 -3.27 -27.22
C ASN B 18 0.22 -3.13 -26.53
N ALA B 19 -0.57 -2.14 -26.94
CA ALA B 19 -1.94 -2.05 -26.44
C ALA B 19 -2.75 -3.29 -26.80
N GLU B 20 -2.56 -3.85 -27.99
N GLU B 20 -2.55 -3.83 -27.99
CA GLU B 20 -3.30 -5.03 -28.36
CA GLU B 20 -3.28 -5.02 -28.40
C GLU B 20 -2.89 -6.22 -27.52
C GLU B 20 -2.89 -6.23 -27.55
N THR B 21 -1.57 -6.40 -27.31
CA THR B 21 -1.11 -7.50 -26.46
C THR B 21 -1.72 -7.36 -25.06
N VAL B 22 -1.66 -6.15 -24.51
CA VAL B 22 -2.14 -5.94 -23.15
C VAL B 22 -3.64 -6.24 -23.07
N ALA B 23 -4.42 -5.82 -24.07
CA ALA B 23 -5.85 -6.08 -24.01
C ALA B 23 -6.11 -7.58 -24.13
N ALA B 24 -5.28 -8.27 -24.91
CA ALA B 24 -5.48 -9.72 -25.07
C ALA B 24 -5.16 -10.46 -23.77
N ILE B 25 -4.13 -10.03 -23.05
CA ILE B 25 -3.85 -10.61 -21.74
C ILE B 25 -5.05 -10.45 -20.84
N LYS B 26 -5.63 -9.25 -20.82
CA LYS B 26 -6.77 -9.06 -19.92
C LYS B 26 -7.98 -9.88 -20.37
N THR B 27 -8.25 -9.99 -21.68
CA THR B 27 -9.33 -10.84 -22.14
C THR B 27 -9.13 -12.28 -21.68
N LEU B 28 -7.90 -12.81 -21.85
CA LEU B 28 -7.70 -14.22 -21.53
C LEU B 28 -7.78 -14.48 -20.03
N ILE B 29 -7.20 -13.58 -19.21
CA ILE B 29 -7.27 -13.79 -17.76
C ILE B 29 -8.71 -13.68 -17.26
N GLN B 30 -9.47 -12.71 -17.80
CA GLN B 30 -10.87 -12.58 -17.41
CA GLN B 30 -10.87 -12.58 -17.41
C GLN B 30 -11.67 -13.83 -17.76
N GLN B 31 -11.41 -14.40 -18.94
CA GLN B 31 -12.14 -15.59 -19.34
C GLN B 31 -11.78 -16.78 -18.44
N LEU B 32 -10.49 -16.96 -18.14
CA LEU B 32 -10.08 -18.03 -17.23
C LEU B 32 -10.66 -17.86 -15.86
N ALA B 33 -10.71 -16.62 -15.37
CA ALA B 33 -11.25 -16.36 -14.04
C ALA B 33 -12.74 -16.68 -13.98
N GLN B 34 -13.49 -16.27 -15.01
CA GLN B 34 -14.94 -16.44 -15.00
C GLN B 34 -15.33 -17.90 -15.01
N SER B 35 -14.45 -18.76 -15.51
CA SER B 35 -14.75 -20.16 -15.65
C SER B 35 -14.34 -21.02 -14.45
N THR B 36 -13.58 -20.49 -13.51
CA THR B 36 -13.28 -21.26 -12.33
C THR B 36 -14.22 -20.83 -11.21
N ASP B 37 -13.93 -21.26 -9.97
CA ASP B 37 -14.74 -20.90 -8.82
C ASP B 37 -13.99 -19.88 -7.96
N GLN B 38 -14.55 -19.56 -6.79
CA GLN B 38 -13.97 -18.48 -6.01
C GLN B 38 -12.54 -18.81 -5.58
N PHE B 39 -12.25 -20.08 -5.31
CA PHE B 39 -10.91 -20.44 -4.86
C PHE B 39 -9.91 -20.35 -6.00
N GLY B 40 -10.32 -20.82 -7.19
CA GLY B 40 -9.52 -20.62 -8.37
C GLY B 40 -9.25 -19.16 -8.68
N ARG B 41 -10.27 -18.30 -8.52
CA ARG B 41 -10.04 -16.87 -8.76
C ARG B 41 -9.05 -16.29 -7.75
N ALA B 42 -9.12 -16.74 -6.50
CA ALA B 42 -8.18 -16.28 -5.50
C ALA B 42 -6.74 -16.71 -5.85
N GLU B 43 -6.59 -17.94 -6.37
N GLU B 43 -6.59 -17.93 -6.38
CA GLU B 43 -5.26 -18.38 -6.83
CA GLU B 43 -5.28 -18.39 -6.83
C GLU B 43 -4.75 -17.53 -7.98
C GLU B 43 -4.76 -17.54 -7.99
N ILE B 44 -5.63 -17.19 -8.93
CA ILE B 44 -5.23 -16.34 -10.06
C ILE B 44 -4.80 -14.97 -9.55
N ASN B 45 -5.57 -14.40 -8.60
CA ASN B 45 -5.19 -13.06 -8.16
C ASN B 45 -3.88 -13.06 -7.39
N ASP B 46 -3.58 -14.12 -6.63
CA ASP B 46 -2.28 -14.26 -5.97
C ASP B 46 -1.16 -14.32 -7.00
N ALA B 47 -1.39 -15.08 -8.08
CA ALA B 47 -0.39 -15.18 -9.15
C ALA B 47 -0.18 -13.83 -9.84
N LEU B 48 -1.24 -13.07 -10.06
CA LEU B 48 -1.08 -11.76 -10.68
C LEU B 48 -0.24 -10.84 -9.80
N ARG B 49 -0.45 -10.89 -8.49
CA ARG B 49 0.39 -10.09 -7.59
C ARG B 49 1.85 -10.54 -7.63
N GLU B 50 2.11 -11.85 -7.59
N GLU B 50 2.09 -11.85 -7.59
CA GLU B 50 3.49 -12.31 -7.65
CA GLU B 50 3.45 -12.37 -7.66
C GLU B 50 4.14 -11.93 -8.98
C GLU B 50 4.13 -11.96 -8.97
N LEU B 51 3.40 -12.01 -10.07
CA LEU B 51 3.95 -11.60 -11.37
C LEU B 51 4.30 -10.11 -11.36
N GLN B 52 3.38 -9.27 -10.85
N GLN B 52 3.39 -9.29 -10.83
CA GLN B 52 3.68 -7.85 -10.74
CA GLN B 52 3.65 -7.85 -10.73
C GLN B 52 5.00 -7.61 -10.01
C GLN B 52 4.95 -7.56 -9.98
N TYR B 53 5.16 -8.23 -8.83
CA TYR B 53 6.35 -7.98 -8.03
C TYR B 53 7.62 -8.47 -8.74
N SER B 54 7.54 -9.61 -9.43
CA SER B 54 8.72 -10.11 -10.12
C SER B 54 9.09 -9.26 -11.34
N LEU B 55 8.12 -8.60 -11.98
CA LEU B 55 8.35 -7.85 -13.22
C LEU B 55 8.62 -6.36 -13.02
N GLU B 56 8.35 -5.81 -11.83
CA GLU B 56 8.52 -4.39 -11.61
C GLU B 56 10.02 -4.03 -11.56
N THR B 57 10.34 -2.80 -11.98
CA THR B 57 11.72 -2.34 -11.89
C THR B 57 12.02 -1.91 -10.46
N PRO B 58 13.30 -1.73 -10.12
CA PRO B 58 13.62 -1.20 -8.78
C PRO B 58 12.90 0.11 -8.46
N PHE B 59 12.86 1.05 -9.42
CA PHE B 59 12.12 2.29 -9.17
C PHE B 59 10.63 2.03 -8.95
N ASP B 60 10.05 1.12 -9.75
CA ASP B 60 8.65 0.70 -9.54
C ASP B 60 8.41 0.24 -8.11
N THR B 61 9.32 -0.58 -7.58
CA THR B 61 9.18 -1.08 -6.21
C THR B 61 9.04 0.06 -5.23
N VAL B 62 9.93 1.04 -5.35
CA VAL B 62 9.90 2.15 -4.41
C VAL B 62 8.65 3.00 -4.65
N MET B 63 8.28 3.22 -5.90
CA MET B 63 7.08 4.03 -6.13
C MET B 63 5.85 3.31 -5.59
N ARG B 64 5.73 2.01 -5.81
CA ARG B 64 4.60 1.24 -5.28
C ARG B 64 4.56 1.35 -3.76
N MET B 65 5.70 1.16 -3.09
CA MET B 65 5.67 1.28 -1.64
C MET B 65 5.43 2.73 -1.21
N SER B 66 5.85 3.71 -2.01
CA SER B 66 5.60 5.10 -1.67
C SER B 66 4.12 5.47 -1.76
N LEU B 67 3.40 4.92 -2.76
CA LEU B 67 2.07 5.41 -3.11
C LEU B 67 0.91 4.51 -2.73
N ASP B 68 1.11 3.21 -2.59
CA ASP B 68 -0.06 2.34 -2.40
C ASP B 68 -0.78 2.67 -1.09
N THR B 69 -0.06 3.16 -0.08
CA THR B 69 -0.74 3.53 1.16
C THR B 69 -1.67 4.74 1.01
N ALA B 70 -1.45 5.61 0.01
CA ALA B 70 -2.40 6.70 -0.25
C ALA B 70 -3.82 6.19 -0.54
N GLN B 71 -3.98 4.95 -0.99
CA GLN B 71 -5.35 4.53 -1.26
C GLN B 71 -6.18 4.47 0.02
N VAL B 72 -5.60 4.11 1.16
CA VAL B 72 -6.40 4.06 2.39
C VAL B 72 -6.80 5.47 2.80
N ALA B 73 -5.88 6.42 2.67
CA ALA B 73 -6.20 7.80 3.03
C ALA B 73 -7.30 8.35 2.13
N VAL B 74 -7.22 8.05 0.84
CA VAL B 74 -8.22 8.65 -0.05
C VAL B 74 -9.53 7.90 0.05
N ALA B 75 -9.53 6.59 0.35
CA ALA B 75 -10.80 5.93 0.66
C ALA B 75 -11.42 6.53 1.92
N ARG B 76 -10.60 6.87 2.91
CA ARG B 76 -11.19 7.47 4.10
C ARG B 76 -11.78 8.84 3.77
N ILE B 77 -11.17 9.59 2.87
CA ILE B 77 -11.74 10.88 2.45
C ILE B 77 -13.06 10.66 1.72
N GLY B 78 -13.09 9.72 0.78
CA GLY B 78 -14.34 9.43 0.09
C GLY B 78 -15.44 8.99 1.04
N SER B 79 -15.09 8.20 2.05
CA SER B 79 -16.06 7.79 3.07
C SER B 79 -16.57 8.99 3.87
N ASP B 80 -15.65 9.87 4.29
CA ASP B 80 -16.05 11.08 4.99
C ASP B 80 -17.03 11.90 4.17
N LEU B 81 -16.79 11.99 2.85
CA LEU B 81 -17.65 12.79 1.99
C LEU B 81 -18.95 12.10 1.62
N GLY B 82 -19.08 10.80 1.86
CA GLY B 82 -20.23 10.06 1.36
C GLY B 82 -20.18 9.78 -0.12
N LEU B 83 -18.99 9.86 -0.72
CA LEU B 83 -18.87 9.77 -2.19
C LEU B 83 -19.26 8.40 -2.72
N PHE B 84 -18.82 7.32 -2.05
CA PHE B 84 -19.02 5.98 -2.60
C PHE B 84 -20.49 5.57 -2.52
N LYS B 85 -21.15 5.91 -1.40
CA LYS B 85 -22.57 5.58 -1.37
C LYS B 85 -23.34 6.44 -2.36
N HIS B 86 -22.97 7.72 -2.56
CA HIS B 86 -23.68 8.52 -3.54
C HIS B 86 -23.46 8.00 -4.95
N LEU B 87 -22.21 7.71 -5.32
CA LEU B 87 -21.94 7.23 -6.67
C LEU B 87 -22.63 5.90 -6.93
N SER B 88 -22.68 5.04 -5.92
CA SER B 88 -23.29 3.72 -6.09
CA SER B 88 -23.29 3.72 -6.09
C SER B 88 -24.77 3.80 -6.38
N GLN B 89 -25.44 4.88 -5.97
CA GLN B 89 -26.86 4.98 -6.27
C GLN B 89 -27.13 5.91 -7.45
N CYS B 90 -26.10 6.47 -8.10
CA CYS B 90 -26.31 7.32 -9.26
C CYS B 90 -26.65 6.49 -10.49
N ALA B 91 -27.63 6.95 -11.26
CA ALA B 91 -28.07 6.26 -12.47
C ALA B 91 -27.39 6.73 -13.74
N SER B 92 -26.57 7.77 -13.70
CA SER B 92 -25.83 8.18 -14.87
C SER B 92 -24.45 8.66 -14.43
N PRO B 93 -23.49 8.76 -15.36
CA PRO B 93 -22.17 9.27 -14.99
C PRO B 93 -22.28 10.70 -14.48
N GLN B 94 -21.45 11.04 -13.49
CA GLN B 94 -21.49 12.37 -12.89
C GLN B 94 -20.18 13.07 -13.16
N SER B 95 -20.26 14.38 -13.42
CA SER B 95 -19.03 15.15 -13.60
C SER B 95 -18.38 15.43 -12.25
N ALA B 96 -17.08 15.76 -12.28
CA ALA B 96 -16.43 16.12 -11.02
C ALA B 96 -17.10 17.35 -10.41
N GLU B 97 -17.55 18.30 -11.25
CA GLU B 97 -18.17 19.47 -10.66
C GLU B 97 -19.51 19.13 -10.03
N GLU B 98 -20.31 18.23 -10.61
CA GLU B 98 -21.57 17.83 -9.99
C GLU B 98 -21.34 17.14 -8.66
N LEU B 99 -20.34 16.25 -8.60
CA LEU B 99 -20.02 15.56 -7.36
C LEU B 99 -19.51 16.53 -6.30
N ALA B 100 -18.65 17.46 -6.70
CA ALA B 100 -18.11 18.43 -5.74
C ALA B 100 -19.22 19.26 -5.13
N ASP B 101 -20.13 19.79 -5.96
CA ASP B 101 -21.15 20.64 -5.37
C ASP B 101 -22.19 19.82 -4.63
N HIS B 102 -22.48 18.58 -5.02
CA HIS B 102 -23.41 17.78 -4.24
C HIS B 102 -22.83 17.40 -2.88
N LEU B 103 -21.54 17.09 -2.82
CA LEU B 103 -20.93 16.54 -1.60
C LEU B 103 -20.27 17.59 -0.72
N GLY B 104 -20.19 18.85 -1.14
CA GLY B 104 -19.58 19.86 -0.31
C GLY B 104 -18.06 19.85 -0.35
N CYS B 105 -17.48 19.65 -1.52
CA CYS B 105 -16.04 19.54 -1.68
C CYS B 105 -15.58 20.61 -2.67
N GLY B 106 -14.40 21.16 -2.43
CA GLY B 106 -13.84 22.09 -3.40
C GLY B 106 -13.72 21.41 -4.75
N ARG B 107 -13.97 22.18 -5.81
CA ARG B 107 -14.11 21.54 -7.12
C ARG B 107 -12.78 21.00 -7.64
N GLU B 108 -11.67 21.72 -7.41
CA GLU B 108 -10.39 21.22 -7.86
C GLU B 108 -9.95 20.02 -7.04
N LEU B 109 -10.14 20.07 -5.73
CA LEU B 109 -9.84 18.93 -4.88
C LEU B 109 -10.64 17.72 -5.32
N MET B 110 -11.94 17.89 -5.57
CA MET B 110 -12.77 16.76 -6.00
C MET B 110 -12.26 16.18 -7.30
N SER B 111 -11.91 17.04 -8.27
CA SER B 111 -11.42 16.52 -9.53
C SER B 111 -10.13 15.73 -9.33
N ARG B 112 -9.20 16.22 -8.50
CA ARG B 112 -7.94 15.49 -8.29
C ARG B 112 -8.15 14.19 -7.53
N LEU B 113 -9.06 14.19 -6.55
CA LEU B 113 -9.38 12.95 -5.84
C LEU B 113 -9.97 11.92 -6.80
N LEU B 114 -10.89 12.35 -7.67
CA LEU B 114 -11.53 11.39 -8.57
C LEU B 114 -10.54 10.84 -9.58
N ARG B 115 -9.62 11.68 -10.09
CA ARG B 115 -8.63 11.18 -11.00
CA ARG B 115 -8.58 11.19 -11.01
C ARG B 115 -7.75 10.11 -10.35
N TYR B 116 -7.38 10.35 -9.10
CA TYR B 116 -6.62 9.36 -8.37
C TYR B 116 -7.43 8.09 -8.13
N MET B 117 -8.68 8.25 -7.67
CA MET B 117 -9.47 7.05 -7.43
C MET B 117 -9.70 6.26 -8.72
N ALA B 118 -9.90 6.93 -9.86
CA ALA B 118 -10.09 6.17 -11.10
C ALA B 118 -8.85 5.37 -11.46
N SER B 119 -7.66 5.91 -11.17
N SER B 119 -7.67 5.93 -11.16
CA SER B 119 -6.44 5.22 -11.55
CA SER B 119 -6.41 5.25 -11.48
C SER B 119 -6.21 3.94 -10.72
C SER B 119 -6.27 3.91 -10.75
N VAL B 120 -6.87 3.80 -9.57
CA VAL B 120 -6.81 2.57 -8.77
C VAL B 120 -8.17 1.89 -8.67
N ARG B 121 -9.07 2.19 -9.59
CA ARG B 121 -10.37 1.54 -9.76
C ARG B 121 -11.31 1.76 -8.57
N MET B 122 -11.05 2.77 -7.73
CA MET B 122 -12.01 2.96 -6.65
C MET B 122 -13.27 3.68 -7.17
N VAL B 123 -13.20 4.29 -8.34
CA VAL B 123 -14.33 4.67 -9.20
C VAL B 123 -13.90 4.34 -10.63
N GLN B 124 -14.80 4.50 -11.60
CA GLN B 124 -14.42 4.40 -13.01
C GLN B 124 -14.57 5.76 -13.67
N GLN B 125 -13.60 6.13 -14.50
CA GLN B 125 -13.67 7.35 -15.30
C GLN B 125 -14.15 7.00 -16.71
N THR B 126 -15.13 7.74 -17.22
CA THR B 126 -15.64 7.50 -18.57
C THR B 126 -14.79 8.24 -19.61
N ASP B 127 -15.10 7.99 -20.88
CA ASP B 127 -14.27 8.67 -21.88
C ASP B 127 -14.60 10.15 -22.05
N ASP B 128 -15.71 10.68 -21.52
CA ASP B 128 -15.87 12.13 -21.47
C ASP B 128 -15.59 12.68 -20.08
N ILE B 129 -14.75 11.98 -19.32
CA ILE B 129 -14.21 12.41 -18.03
C ILE B 129 -15.35 12.69 -17.04
N LYS B 130 -16.31 11.79 -16.98
CA LYS B 130 -17.31 11.68 -15.94
C LYS B 130 -17.00 10.41 -15.15
N TYR B 131 -17.76 10.18 -14.08
CA TYR B 131 -17.41 9.14 -13.11
C TYR B 131 -18.60 8.27 -12.78
N ILE B 132 -18.35 6.97 -12.64
CA ILE B 132 -19.37 5.98 -12.31
C ILE B 132 -18.78 5.04 -11.27
N SER B 133 -19.68 4.32 -10.58
CA SER B 133 -19.23 3.36 -9.59
CA SER B 133 -19.22 3.35 -9.59
C SER B 133 -18.53 2.17 -10.27
N SER B 134 -17.51 1.66 -9.61
CA SER B 134 -16.75 0.44 -9.82
C SER B 134 -17.25 -0.64 -8.85
N ASN B 135 -16.76 -1.88 -9.01
CA ASN B 135 -16.92 -2.88 -7.94
C ASN B 135 -16.41 -2.35 -6.61
N ILE B 136 -15.29 -1.63 -6.63
CA ILE B 136 -14.71 -1.14 -5.39
C ILE B 136 -15.58 -0.03 -4.80
N THR B 137 -16.16 0.82 -5.66
CA THR B 137 -17.09 1.83 -5.17
C THR B 137 -18.21 1.18 -4.37
N GLN B 138 -18.81 0.14 -4.94
CA GLN B 138 -19.91 -0.56 -4.28
C GLN B 138 -19.47 -1.18 -2.96
N THR B 139 -18.31 -1.82 -2.96
CA THR B 139 -17.74 -2.38 -1.73
C THR B 139 -17.61 -1.33 -0.64
N LEU B 140 -17.04 -0.17 -0.98
CA LEU B 140 -16.81 0.86 0.02
C LEU B 140 -18.10 1.55 0.48
N ALA B 141 -19.21 1.35 -0.22
CA ALA B 141 -20.50 1.83 0.22
C ALA B 141 -21.22 0.88 1.19
N VAL B 142 -20.77 -0.37 1.33
CA VAL B 142 -21.37 -1.33 2.26
C VAL B 142 -20.90 -1.02 3.66
N PRO B 143 -21.81 -0.74 4.62
CA PRO B 143 -21.38 -0.27 5.95
C PRO B 143 -20.28 -1.10 6.59
N GLY B 144 -20.42 -2.43 6.64
CA GLY B 144 -19.42 -3.25 7.32
C GLY B 144 -18.08 -3.25 6.61
N LEU B 145 -18.07 -3.17 5.28
CA LEU B 145 -16.80 -3.14 4.54
C LEU B 145 -16.17 -1.75 4.62
N GLU B 146 -16.97 -0.69 4.49
CA GLU B 146 -16.50 0.65 4.81
C GLU B 146 -15.82 0.69 6.18
N ALA B 147 -16.48 0.10 7.19
CA ALA B 147 -15.89 0.10 8.54
C ALA B 147 -14.56 -0.65 8.58
N GLY B 148 -14.40 -1.72 7.80
CA GLY B 148 -13.09 -2.38 7.77
C GLY B 148 -12.00 -1.46 7.22
N MET B 149 -12.32 -0.70 6.18
CA MET B 149 -11.37 0.28 5.64
C MET B 149 -11.07 1.37 6.67
N ARG B 150 -12.12 1.84 7.38
CA ARG B 150 -11.91 2.90 8.35
C ARG B 150 -11.09 2.40 9.54
N HIS B 151 -11.27 1.14 9.91
CA HIS B 151 -10.47 0.47 10.93
C HIS B 151 -9.01 0.38 10.54
N ALA B 152 -8.73 0.01 9.29
CA ALA B 152 -7.35 0.00 8.81
C ALA B 152 -6.72 1.37 8.99
N PHE B 153 -7.44 2.42 8.62
CA PHE B 153 -6.89 3.76 8.68
C PHE B 153 -6.64 4.18 10.12
N GLU B 154 -7.65 4.05 10.99
CA GLU B 154 -7.54 4.68 12.30
C GLU B 154 -6.92 3.78 13.36
N ASN B 155 -6.97 2.46 13.20
CA ASN B 155 -6.40 1.53 14.17
C ASN B 155 -5.17 0.78 13.68
N LEU B 156 -5.16 0.27 12.45
CA LEU B 156 -3.99 -0.51 12.04
C LEU B 156 -2.81 0.38 11.66
N TRP B 157 -3.06 1.47 10.93
N TRP B 157 -3.07 1.44 10.90
CA TRP B 157 -1.95 2.29 10.44
CA TRP B 157 -2.00 2.34 10.45
C TRP B 157 -1.13 2.90 11.58
C TRP B 157 -1.14 2.83 11.60
N PRO B 158 -1.70 3.45 12.66
CA PRO B 158 -0.82 3.97 13.71
C PRO B 158 0.04 2.89 14.35
N VAL B 159 -0.47 1.65 14.50
CA VAL B 159 0.34 0.62 15.14
CA VAL B 159 0.38 0.65 15.16
C VAL B 159 1.49 0.20 14.24
N LEU B 160 1.22 0.09 12.92
CA LEU B 160 2.25 -0.27 11.97
C LEU B 160 3.31 0.83 11.89
N MET B 161 2.92 2.09 12.01
N MET B 161 2.88 2.07 12.03
CA MET B 161 3.91 3.14 12.00
CA MET B 161 3.78 3.20 12.03
C MET B 161 4.82 3.10 13.23
C MET B 161 4.74 3.18 13.23
N ALA B 162 4.28 2.67 14.39
CA ALA B 162 5.09 2.64 15.59
C ALA B 162 5.98 1.41 15.66
N LEU B 163 5.65 0.35 14.92
CA LEU B 163 6.37 -0.91 15.07
C LEU B 163 7.87 -0.79 14.82
N PRO B 164 8.36 -0.18 13.71
CA PRO B 164 9.82 -0.21 13.49
C PRO B 164 10.62 0.39 14.65
N ASP B 165 10.24 1.59 15.13
CA ASP B 165 11.02 2.17 16.21
C ASP B 165 10.80 1.43 17.53
N PHE B 166 9.60 0.86 17.74
CA PHE B 166 9.40 0.06 18.94
C PHE B 166 10.36 -1.13 18.97
N LEU B 167 10.49 -1.84 17.84
CA LEU B 167 11.41 -2.97 17.74
C LEU B 167 12.85 -2.53 17.95
N ALA B 168 13.21 -1.40 17.34
CA ALA B 168 14.59 -0.93 17.41
C ALA B 168 14.95 -0.56 18.84
N GLU B 169 14.11 0.24 19.49
CA GLU B 169 14.28 0.71 20.86
C GLU B 169 14.38 -0.45 21.86
N ARG B 170 13.73 -1.56 21.53
N ARG B 170 13.70 -1.55 21.56
CA ARG B 170 13.65 -2.70 22.43
CA ARG B 170 13.66 -2.71 22.46
C ARG B 170 14.55 -3.86 21.98
C ARG B 170 14.58 -3.84 22.01
N LYS B 171 15.44 -3.62 21.02
CA LYS B 171 16.41 -4.62 20.56
C LYS B 171 15.74 -5.88 20.02
N TYR B 172 14.63 -5.69 19.29
CA TYR B 172 14.05 -6.77 18.50
C TYR B 172 13.63 -7.95 19.36
N PRO B 173 12.74 -7.71 20.33
CA PRO B 173 12.25 -8.81 21.17
C PRO B 173 11.20 -9.65 20.45
N ASP B 174 11.01 -10.85 20.95
CA ASP B 174 9.83 -11.65 20.62
C ASP B 174 8.64 -11.12 21.42
N ILE B 175 7.68 -10.47 20.74
CA ILE B 175 6.55 -9.87 21.43
C ILE B 175 5.58 -10.95 21.87
N VAL B 176 5.26 -10.98 23.17
CA VAL B 176 4.32 -11.95 23.72
C VAL B 176 3.26 -11.34 24.62
N ASP B 177 3.26 -10.02 24.83
CA ASP B 177 2.41 -9.38 25.84
C ASP B 177 1.51 -8.35 25.18
N ALA B 178 0.19 -8.49 25.36
CA ALA B 178 -0.75 -7.51 24.81
C ALA B 178 -0.57 -6.13 25.45
N LYS B 179 0.01 -6.08 26.65
CA LYS B 179 0.23 -4.76 27.25
C LYS B 179 1.64 -4.21 27.01
N ASP B 180 2.46 -4.86 26.18
CA ASP B 180 3.80 -4.40 25.86
C ASP B 180 4.12 -4.68 24.38
N THR B 181 3.47 -3.94 23.50
CA THR B 181 3.75 -4.09 22.07
C THR B 181 3.64 -2.70 21.44
N ALA B 182 3.51 -2.65 20.10
CA ALA B 182 3.59 -1.35 19.45
C ALA B 182 2.37 -0.50 19.76
N PHE B 183 1.23 -1.12 20.07
CA PHE B 183 0.02 -0.36 20.38
C PHE B 183 0.27 0.70 21.45
N GLN B 184 0.96 0.32 22.53
CA GLN B 184 1.16 1.26 23.64
C GLN B 184 1.92 2.52 23.21
N LYS B 185 2.91 2.37 22.32
CA LYS B 185 3.62 3.54 21.81
C LYS B 185 2.73 4.35 20.88
N ALA B 186 2.00 3.67 19.99
CA ALA B 186 1.20 4.36 18.98
C ALA B 186 0.12 5.23 19.61
N PHE B 187 -0.49 4.78 20.69
CA PHE B 187 -1.59 5.54 21.29
C PHE B 187 -1.25 6.10 22.66
N ASN B 188 0.03 6.05 23.04
CA ASN B 188 0.53 6.71 24.25
CA ASN B 188 0.53 6.71 24.25
C ASN B 188 -0.31 6.35 25.47
N THR B 189 -0.42 5.04 25.71
CA THR B 189 -1.22 4.52 26.80
C THR B 189 -0.56 3.25 27.33
N ASP B 190 -0.90 2.91 28.58
CA ASP B 190 -0.45 1.65 29.16
C ASP B 190 -1.49 0.56 29.05
N GLN B 191 -2.68 0.88 28.55
CA GLN B 191 -3.76 -0.09 28.43
C GLN B 191 -3.49 -1.06 27.29
N ASP B 192 -4.09 -2.24 27.37
CA ASP B 192 -4.04 -3.05 26.17
C ASP B 192 -5.10 -2.56 25.19
N CYS B 193 -4.98 -3.03 23.94
CA CYS B 193 -5.79 -2.49 22.86
C CYS B 193 -7.28 -2.61 23.15
N PHE B 194 -7.73 -3.81 23.55
CA PHE B 194 -9.16 -4.04 23.67
C PHE B 194 -9.77 -3.15 24.76
N HIS B 195 -9.09 -3.02 25.89
CA HIS B 195 -9.58 -2.14 26.95
C HIS B 195 -9.61 -0.68 26.50
N TRP B 196 -8.54 -0.23 25.84
CA TRP B 196 -8.47 1.17 25.40
C TRP B 196 -9.56 1.49 24.38
N LEU B 197 -9.80 0.57 23.43
CA LEU B 197 -10.86 0.79 22.45
C LEU B 197 -12.20 1.01 23.14
N ALA B 198 -12.50 0.17 24.15
CA ALA B 198 -13.74 0.27 24.89
C ALA B 198 -13.97 1.63 25.53
N THR B 199 -12.95 2.48 25.61
CA THR B 199 -13.11 3.82 26.17
C THR B 199 -13.30 4.89 25.10
N GLN B 200 -13.23 4.53 23.82
CA GLN B 200 -13.21 5.49 22.72
C GLN B 200 -14.50 5.39 21.90
N PRO B 201 -15.47 6.30 22.08
CA PRO B 201 -16.79 6.11 21.44
C PRO B 201 -16.80 5.99 19.92
N THR B 202 -16.13 6.88 19.18
CA THR B 202 -16.16 6.77 17.73
C THR B 202 -15.58 5.44 17.28
N ARG B 203 -14.51 5.00 17.95
CA ARG B 203 -13.88 3.74 17.58
C ARG B 203 -14.79 2.56 17.87
N ILE B 204 -15.46 2.57 19.03
CA ILE B 204 -16.31 1.42 19.32
C ILE B 204 -17.51 1.39 18.37
N ALA B 205 -18.05 2.54 17.96
CA ALA B 205 -19.14 2.55 17.00
C ALA B 205 -18.71 1.92 15.68
N ASN B 206 -17.52 2.30 15.19
CA ASN B 206 -17.08 1.70 13.92
C ASN B 206 -16.84 0.21 14.09
N PHE B 207 -16.35 -0.24 15.25
CA PHE B 207 -16.20 -1.68 15.45
C PHE B 207 -17.53 -2.40 15.41
N LYS B 208 -18.59 -1.82 15.99
CA LYS B 208 -19.88 -2.48 15.95
C LYS B 208 -20.39 -2.63 14.51
N VAL B 209 -20.13 -1.65 13.65
CA VAL B 209 -20.55 -1.83 12.27
C VAL B 209 -19.73 -2.93 11.61
N LEU B 210 -18.45 -3.02 11.98
CA LEU B 210 -17.57 -4.05 11.44
C LEU B 210 -18.12 -5.46 11.71
N LEU B 211 -18.81 -5.65 12.85
CA LEU B 211 -19.35 -6.97 13.16
C LEU B 211 -20.46 -7.40 12.21
N THR B 212 -21.06 -6.46 11.48
CA THR B 212 -22.12 -6.81 10.53
C THR B 212 -21.58 -7.39 9.21
N ASP B 213 -20.27 -7.40 8.98
CA ASP B 213 -19.69 -7.95 7.75
C ASP B 213 -19.51 -9.47 7.89
N GLU B 214 -20.36 -10.25 7.22
CA GLU B 214 -20.29 -11.70 7.34
C GLU B 214 -19.36 -12.29 6.27
N ARG B 215 -18.36 -13.07 6.70
CA ARG B 215 -17.42 -13.66 5.76
C ARG B 215 -18.06 -14.84 5.04
N THR B 216 -17.64 -15.05 3.79
CA THR B 216 -18.12 -16.16 3.00
C THR B 216 -16.94 -16.77 2.26
N PRO B 217 -16.88 -18.10 2.11
CA PRO B 217 -17.82 -19.12 2.63
C PRO B 217 -17.61 -19.31 4.12
N ASN B 218 -18.39 -20.15 4.76
CA ASN B 218 -18.29 -20.38 6.20
C ASN B 218 -18.10 -21.88 6.43
N PHE B 219 -17.81 -22.24 7.69
CA PHE B 219 -17.40 -23.61 8.01
C PHE B 219 -18.49 -24.62 7.68
N LEU B 220 -19.76 -24.22 7.65
CA LEU B 220 -20.80 -25.20 7.37
C LEU B 220 -20.74 -25.75 5.96
N SER B 221 -19.97 -25.14 5.07
CA SER B 221 -19.85 -25.68 3.72
C SER B 221 -19.11 -27.01 3.70
N THR B 222 -18.22 -27.25 4.66
CA THR B 222 -17.49 -28.51 4.69
C THR B 222 -17.60 -29.26 6.02
N PHE B 223 -18.26 -28.71 7.02
CA PHE B 223 -18.35 -29.35 8.33
C PHE B 223 -19.35 -30.48 8.27
N PRO B 224 -18.94 -31.73 8.53
CA PRO B 224 -19.88 -32.87 8.47
C PRO B 224 -20.62 -33.02 9.80
N LEU B 225 -21.68 -32.23 9.94
CA LEU B 225 -22.36 -32.11 11.23
C LEU B 225 -22.91 -33.47 11.67
N GLU B 226 -23.60 -34.15 10.75
CA GLU B 226 -24.15 -35.47 11.07
C GLU B 226 -23.06 -36.41 11.58
N LYS B 227 -21.92 -36.51 10.90
CA LYS B 227 -20.93 -37.47 11.37
C LYS B 227 -20.37 -37.06 12.73
N GLU B 228 -20.11 -35.78 12.95
CA GLU B 228 -19.63 -35.32 14.26
C GLU B 228 -20.66 -35.56 15.35
N LEU B 229 -21.94 -35.41 15.03
CA LEU B 229 -22.99 -35.62 16.03
C LEU B 229 -23.10 -37.08 16.46
N GLY B 230 -23.05 -38.01 15.50
CA GLY B 230 -23.31 -39.40 15.84
C GLY B 230 -24.70 -39.52 16.43
N SER B 231 -24.80 -40.29 17.52
CA SER B 231 -26.06 -40.51 18.21
C SER B 231 -26.34 -39.50 19.31
N TRP B 232 -25.66 -38.36 19.31
CA TRP B 232 -25.81 -37.37 20.37
C TRP B 232 -27.27 -37.00 20.57
N SER B 233 -27.69 -37.00 21.84
CA SER B 233 -29.06 -36.69 22.22
C SER B 233 -29.13 -35.32 22.89
N ALA B 234 -30.18 -34.56 22.59
CA ALA B 234 -30.34 -33.21 23.12
C ALA B 234 -31.12 -33.14 24.42
N GLU B 235 -31.65 -34.32 24.97
CA GLU B 235 -32.63 -34.18 26.06
C GLU B 235 -32.00 -34.37 27.43
N PRO B 236 -32.36 -33.58 28.47
CA PRO B 236 -33.59 -32.77 28.51
C PRO B 236 -33.53 -31.38 27.89
N GLU B 237 -32.46 -30.62 28.14
CA GLU B 237 -32.35 -29.27 27.60
C GLU B 237 -30.90 -28.96 27.24
N LYS B 238 -30.21 -29.91 26.60
CA LYS B 238 -28.82 -29.58 26.31
C LYS B 238 -28.72 -28.69 25.07
N ALA B 239 -27.54 -28.09 24.94
CA ALA B 239 -27.23 -27.18 23.86
C ALA B 239 -26.50 -27.93 22.76
N LEU B 240 -26.94 -27.74 21.52
CA LEU B 240 -26.19 -28.24 20.37
C LEU B 240 -24.98 -27.36 20.06
N PHE B 241 -25.11 -26.06 20.24
CA PHE B 241 -24.12 -25.13 19.71
C PHE B 241 -24.07 -23.90 20.58
N VAL B 242 -22.89 -23.58 21.11
CA VAL B 242 -22.65 -22.42 21.96
C VAL B 242 -21.64 -21.53 21.23
N ASP B 243 -22.06 -20.35 20.78
CA ASP B 243 -21.24 -19.48 19.92
C ASP B 243 -20.57 -18.44 20.82
N ILE B 244 -19.33 -18.70 21.21
CA ILE B 244 -18.64 -17.92 22.24
C ILE B 244 -17.98 -16.72 21.59
N GLY B 245 -18.38 -15.51 22.00
CA GLY B 245 -17.98 -14.33 21.25
C GLY B 245 -18.54 -14.31 19.85
N GLY B 246 -19.81 -14.71 19.69
CA GLY B 246 -20.42 -14.88 18.38
C GLY B 246 -20.84 -13.61 17.65
N GLY B 247 -20.67 -12.44 18.26
CA GLY B 247 -20.95 -11.19 17.55
C GLY B 247 -22.42 -11.08 17.18
N MET B 248 -22.68 -10.83 15.89
CA MET B 248 -24.07 -10.77 15.43
C MET B 248 -24.72 -12.15 15.36
N GLY B 249 -23.98 -13.20 15.68
CA GLY B 249 -24.52 -14.55 15.65
C GLY B 249 -24.68 -15.15 14.28
N HIS B 250 -23.87 -14.72 13.30
CA HIS B 250 -24.00 -15.27 11.94
C HIS B 250 -23.82 -16.78 11.93
N ALA B 251 -22.92 -17.32 12.76
CA ALA B 251 -22.74 -18.77 12.78
C ALA B 251 -24.00 -19.48 13.28
N CYS B 252 -24.67 -18.91 14.29
CA CYS B 252 -25.93 -19.49 14.78
C CYS B 252 -27.03 -19.41 13.71
N ILE B 253 -27.12 -18.27 13.04
CA ILE B 253 -28.13 -18.08 11.98
C ILE B 253 -27.93 -19.10 10.87
N ARG B 254 -26.69 -19.23 10.37
CA ARG B 254 -26.42 -20.16 9.27
C ARG B 254 -26.63 -21.61 9.71
N LEU B 255 -26.30 -21.92 10.96
CA LEU B 255 -26.55 -23.25 11.52
C LEU B 255 -28.03 -23.60 11.47
N ARG B 256 -28.84 -22.70 12.03
CA ARG B 256 -30.28 -22.94 12.05
C ARG B 256 -30.85 -22.98 10.64
N GLU B 257 -30.27 -22.18 9.74
CA GLU B 257 -30.75 -22.11 8.35
C GLU B 257 -30.49 -23.43 7.63
N LYS B 258 -29.30 -24.02 7.83
CA LYS B 258 -28.91 -25.21 7.10
C LYS B 258 -29.50 -26.49 7.70
N TYR B 259 -29.64 -26.54 9.02
CA TYR B 259 -30.14 -27.74 9.73
C TYR B 259 -31.33 -27.37 10.61
N PRO B 260 -32.44 -26.90 10.02
CA PRO B 260 -33.53 -26.36 10.85
C PRO B 260 -34.21 -27.37 11.74
N ASN B 261 -34.07 -28.68 11.50
CA ASN B 261 -34.75 -29.69 12.29
C ASN B 261 -33.82 -30.43 13.23
N GLN B 262 -32.60 -30.00 13.33
CA GLN B 262 -31.66 -30.60 14.27
C GLN B 262 -31.99 -30.15 15.67
N PRO B 263 -32.31 -31.04 16.60
CA PRO B 263 -32.68 -30.59 17.95
C PRO B 263 -31.47 -30.11 18.75
N GLY B 264 -31.76 -29.33 19.78
CA GLY B 264 -30.70 -28.79 20.61
C GLY B 264 -30.70 -27.28 20.64
N ARG B 265 -30.40 -26.71 21.80
CA ARG B 265 -30.33 -25.28 21.96
C ARG B 265 -29.19 -24.71 21.12
N VAL B 266 -29.40 -23.54 20.54
CA VAL B 266 -28.36 -22.80 19.85
C VAL B 266 -28.25 -21.45 20.56
N ILE B 267 -27.07 -21.14 21.08
CA ILE B 267 -26.89 -20.07 22.05
C ILE B 267 -25.78 -19.14 21.56
N LEU B 268 -26.12 -17.86 21.39
CA LEU B 268 -25.15 -16.82 21.06
C LEU B 268 -24.67 -16.20 22.37
N GLN B 269 -23.35 -16.22 22.61
CA GLN B 269 -22.75 -15.63 23.80
C GLN B 269 -21.85 -14.48 23.41
N ASP B 270 -22.05 -13.33 24.05
CA ASP B 270 -21.25 -12.14 23.80
C ASP B 270 -21.55 -11.14 24.92
N LEU B 271 -20.93 -9.99 24.85
CA LEU B 271 -21.20 -9.03 25.89
C LEU B 271 -22.48 -8.26 25.58
N PRO B 272 -23.12 -7.72 26.62
CA PRO B 272 -24.49 -7.18 26.48
C PRO B 272 -24.66 -6.21 25.32
N PRO B 273 -23.76 -5.25 25.11
CA PRO B 273 -24.01 -4.29 24.00
C PRO B 273 -24.03 -4.94 22.63
N VAL B 274 -23.22 -5.98 22.42
CA VAL B 274 -23.20 -6.65 21.13
C VAL B 274 -24.45 -7.51 20.95
N LEU B 275 -24.88 -8.21 22.02
CA LEU B 275 -26.12 -8.96 21.93
C LEU B 275 -27.30 -8.04 21.61
N GLN B 276 -27.29 -6.83 22.17
CA GLN B 276 -28.37 -5.89 21.88
C GLN B 276 -28.33 -5.45 20.41
N ALA B 277 -27.14 -5.14 19.89
CA ALA B 277 -27.02 -4.80 18.48
C ALA B 277 -27.46 -5.96 17.59
N ALA B 278 -27.35 -7.20 18.08
CA ALA B 278 -27.67 -8.35 17.26
C ALA B 278 -29.17 -8.62 17.16
N GLN B 279 -29.97 -8.09 18.11
CA GLN B 279 -31.37 -8.47 18.19
C GLN B 279 -32.14 -8.14 16.92
N ALA B 280 -31.79 -7.04 16.26
CA ALA B 280 -32.52 -6.63 15.07
C ALA B 280 -32.51 -7.72 14.00
N THR B 281 -31.36 -8.36 13.79
CA THR B 281 -31.19 -9.27 12.67
C THR B 281 -31.25 -10.74 13.08
N LEU B 282 -31.46 -11.03 14.36
CA LEU B 282 -31.62 -12.42 14.76
C LEU B 282 -33.02 -12.92 14.41
N PRO B 283 -33.18 -14.24 14.21
CA PRO B 283 -34.52 -14.81 14.10
C PRO B 283 -35.29 -14.59 15.40
N LEU B 284 -36.62 -14.54 15.28
CA LEU B 284 -37.45 -14.29 16.46
C LEU B 284 -37.48 -15.49 17.39
N SER B 285 -37.28 -16.70 16.87
CA SER B 285 -37.19 -17.88 17.73
C SER B 285 -36.05 -18.76 17.26
N GLY B 286 -35.54 -19.59 18.18
CA GLY B 286 -34.61 -20.64 17.86
C GLY B 286 -33.16 -20.37 18.24
N ILE B 287 -32.79 -19.12 18.50
CA ILE B 287 -31.45 -18.75 18.94
C ILE B 287 -31.54 -17.91 20.21
N GLU B 288 -30.90 -18.38 21.28
CA GLU B 288 -30.92 -17.66 22.56
C GLU B 288 -29.75 -16.69 22.63
N SER B 289 -30.01 -15.51 23.16
CA SER B 289 -28.94 -14.54 23.35
C SER B 289 -28.58 -14.54 24.83
N MET B 290 -27.34 -14.96 25.11
CA MET B 290 -26.92 -15.16 26.49
C MET B 290 -25.72 -14.28 26.82
N PRO B 291 -25.85 -13.26 27.66
CA PRO B 291 -24.67 -12.46 28.01
C PRO B 291 -23.64 -13.32 28.71
N HIS B 292 -22.41 -13.31 28.20
CA HIS B 292 -21.34 -14.08 28.81
C HIS B 292 -19.99 -13.49 28.43
N ASN B 293 -19.16 -13.28 29.45
CA ASN B 293 -17.78 -12.85 29.28
C ASN B 293 -16.89 -14.09 29.18
N PHE B 294 -16.18 -14.26 28.05
CA PHE B 294 -15.43 -15.51 27.90
C PHE B 294 -14.14 -15.55 28.72
N HIS B 295 -13.83 -14.52 29.49
CA HIS B 295 -12.76 -14.61 30.48
C HIS B 295 -13.23 -15.19 31.81
N THR B 296 -14.49 -15.65 31.89
CA THR B 296 -15.09 -16.22 33.08
C THR B 296 -15.64 -17.64 32.78
N PRO B 297 -15.90 -18.44 33.81
CA PRO B 297 -16.33 -19.83 33.59
C PRO B 297 -17.57 -19.96 32.73
N GLN B 298 -17.52 -20.92 31.81
CA GLN B 298 -18.60 -21.15 30.84
C GLN B 298 -19.84 -21.67 31.55
N PRO B 299 -20.99 -20.99 31.45
CA PRO B 299 -22.16 -21.45 32.21
C PRO B 299 -22.92 -22.62 31.59
N VAL B 300 -22.84 -22.86 30.28
CA VAL B 300 -23.60 -23.91 29.62
C VAL B 300 -22.84 -25.23 29.72
N GLN B 301 -23.42 -26.22 30.40
CA GLN B 301 -22.68 -27.45 30.66
C GLN B 301 -23.10 -28.55 29.68
N GLY B 302 -22.08 -29.34 29.29
CA GLY B 302 -22.29 -30.49 28.42
C GLY B 302 -22.82 -30.20 27.03
N ALA B 303 -22.52 -29.03 26.45
CA ALA B 303 -22.96 -28.74 25.09
C ALA B 303 -22.22 -29.63 24.10
N LYS B 304 -22.83 -29.87 22.94
CA LYS B 304 -22.13 -30.66 21.93
C LYS B 304 -20.93 -29.88 21.35
N PHE B 305 -21.16 -28.63 20.94
CA PHE B 305 -20.11 -27.83 20.31
C PHE B 305 -20.01 -26.49 21.03
N TYR B 306 -18.82 -26.20 21.57
CA TYR B 306 -18.43 -24.86 22.00
C TYR B 306 -17.58 -24.27 20.87
N PHE B 307 -18.02 -23.16 20.31
CA PHE B 307 -17.53 -22.66 19.01
C PHE B 307 -16.85 -21.31 19.22
N LEU B 308 -15.60 -21.20 18.73
CA LEU B 308 -14.75 -20.00 18.88
C LEU B 308 -14.27 -19.61 17.48
N ARG B 309 -14.93 -18.66 16.84
CA ARG B 309 -14.58 -18.24 15.48
C ARG B 309 -13.81 -16.92 15.54
N LEU B 310 -12.55 -16.91 15.09
CA LEU B 310 -11.74 -15.69 15.02
C LEU B 310 -11.65 -15.03 16.39
N ILE B 311 -11.58 -15.84 17.45
CA ILE B 311 -11.44 -15.34 18.81
C ILE B 311 -10.01 -15.49 19.28
N LEU B 312 -9.50 -16.73 19.27
CA LEU B 312 -8.22 -17.01 19.91
C LEU B 312 -7.04 -16.38 19.20
N ARG B 313 -7.19 -16.06 17.90
CA ARG B 313 -6.14 -15.36 17.16
C ARG B 313 -5.80 -14.01 17.78
N ASP B 314 -6.72 -13.42 18.56
CA ASP B 314 -6.52 -12.09 19.11
C ASP B 314 -5.84 -12.09 20.47
N PHE B 315 -5.37 -13.24 20.94
CA PHE B 315 -4.77 -13.34 22.26
C PHE B 315 -3.45 -14.08 22.20
N PRO B 316 -2.43 -13.61 22.92
CA PRO B 316 -1.21 -14.41 23.11
C PRO B 316 -1.57 -15.74 23.76
N ASP B 317 -0.61 -16.69 23.71
CA ASP B 317 -0.86 -18.04 24.21
C ASP B 317 -1.42 -18.04 25.64
N HIS B 318 -0.84 -17.22 26.52
CA HIS B 318 -1.25 -17.21 27.95
C HIS B 318 -2.75 -16.96 28.07
N GLN B 319 -3.22 -15.91 27.39
CA GLN B 319 -4.63 -15.53 27.47
C GLN B 319 -5.52 -16.45 26.64
N ALA B 320 -5.06 -16.92 25.48
CA ALA B 320 -5.87 -17.88 24.73
C ALA B 320 -6.04 -19.16 25.54
N LEU B 321 -4.99 -19.59 26.24
CA LEU B 321 -5.08 -20.73 27.14
C LEU B 321 -6.15 -20.53 28.20
N GLU B 322 -6.16 -19.34 28.84
CA GLU B 322 -7.16 -19.07 29.87
C GLU B 322 -8.58 -19.15 29.31
N ILE B 323 -8.80 -18.66 28.08
CA ILE B 323 -10.13 -18.74 27.49
C ILE B 323 -10.55 -20.21 27.33
N LEU B 324 -9.65 -21.05 26.85
CA LEU B 324 -9.97 -22.48 26.75
C LEU B 324 -10.19 -23.10 28.12
N GLN B 325 -9.39 -22.69 29.11
CA GLN B 325 -9.53 -23.31 30.44
C GLN B 325 -10.83 -22.90 31.11
N ASN B 326 -11.47 -21.82 30.65
CA ASN B 326 -12.79 -21.46 31.16
C ASN B 326 -13.91 -22.31 30.58
N ILE B 327 -13.65 -23.05 29.51
CA ILE B 327 -14.65 -23.88 28.84
C ILE B 327 -14.51 -25.34 29.23
N VAL B 328 -13.28 -25.81 29.31
CA VAL B 328 -12.95 -27.22 29.53
C VAL B 328 -13.77 -27.84 30.67
N PRO B 329 -13.85 -27.20 31.86
CA PRO B 329 -14.57 -27.85 32.96
C PRO B 329 -16.06 -28.05 32.68
N ALA B 330 -16.64 -27.31 31.72
CA ALA B 330 -18.04 -27.46 31.37
C ALA B 330 -18.28 -28.63 30.42
N MET B 331 -17.22 -29.23 29.87
CA MET B 331 -17.34 -30.28 28.87
C MET B 331 -17.62 -31.64 29.49
N ASP B 332 -18.42 -32.45 28.80
CA ASP B 332 -18.47 -33.88 29.06
C ASP B 332 -17.77 -34.62 27.93
N ALA B 333 -17.89 -35.95 27.93
CA ALA B 333 -17.13 -36.78 27.00
C ALA B 333 -17.52 -36.51 25.54
N GLU B 334 -18.78 -36.15 25.31
CA GLU B 334 -19.25 -35.88 23.96
C GLU B 334 -19.00 -34.45 23.51
N SER B 335 -18.68 -33.54 24.43
CA SER B 335 -18.51 -32.16 23.99
C SER B 335 -17.25 -31.98 23.17
N ARG B 336 -17.30 -31.00 22.27
CA ARG B 336 -16.17 -30.61 21.46
C ARG B 336 -16.01 -29.10 21.54
N ILE B 337 -14.76 -28.64 21.53
CA ILE B 337 -14.45 -27.23 21.31
C ILE B 337 -14.10 -27.12 19.83
N VAL B 338 -14.79 -26.25 19.10
CA VAL B 338 -14.53 -26.05 17.69
C VAL B 338 -13.84 -24.70 17.56
N ILE B 339 -12.57 -24.70 17.15
CA ILE B 339 -11.81 -23.49 16.89
C ILE B 339 -11.88 -23.26 15.38
N ASP B 340 -12.54 -22.18 14.97
CA ASP B 340 -12.70 -21.77 13.58
C ASP B 340 -11.81 -20.57 13.38
N ASP B 341 -10.69 -20.74 12.66
CA ASP B 341 -9.70 -19.67 12.65
C ASP B 341 -8.68 -19.97 11.53
N GLY B 342 -7.74 -19.05 11.37
CA GLY B 342 -6.70 -19.26 10.35
C GLY B 342 -5.77 -20.38 10.77
N VAL B 343 -5.41 -21.22 9.81
CA VAL B 343 -4.43 -22.29 10.02
C VAL B 343 -3.36 -22.20 8.92
N PRO B 344 -2.48 -21.21 8.96
CA PRO B 344 -1.54 -21.03 7.85
C PRO B 344 -0.59 -22.19 7.75
N PRO B 345 -0.05 -22.46 6.56
CA PRO B 345 0.86 -23.59 6.37
C PRO B 345 2.23 -23.31 6.96
N GLU B 346 2.99 -24.40 7.15
CA GLU B 346 4.38 -24.30 7.61
C GLU B 346 5.26 -23.54 6.62
N LYS B 347 4.98 -23.66 5.32
CA LYS B 347 5.74 -22.92 4.30
C LYS B 347 4.78 -22.47 3.20
N GLY B 348 5.23 -21.45 2.47
CA GLY B 348 4.45 -20.86 1.40
C GLY B 348 3.19 -20.13 1.85
N ALA B 349 3.17 -19.61 3.07
CA ALA B 349 1.99 -18.89 3.53
C ALA B 349 1.77 -17.62 2.70
N ARG B 350 0.52 -17.29 2.48
CA ARG B 350 0.11 -16.21 1.59
C ARG B 350 0.08 -14.88 2.33
N TRP B 351 0.09 -13.78 1.54
CA TRP B 351 0.16 -12.46 2.15
C TRP B 351 -1.02 -12.16 3.07
N ALA B 352 -2.21 -12.67 2.76
CA ALA B 352 -3.34 -12.35 3.64
C ALA B 352 -3.33 -13.13 4.95
N GLU B 353 -2.42 -14.10 5.14
CA GLU B 353 -2.36 -14.74 6.44
C GLU B 353 -0.99 -14.56 7.07
N THR B 354 -0.10 -13.80 6.43
CA THR B 354 1.11 -13.36 7.10
C THR B 354 1.05 -11.89 7.45
N GLY B 355 0.43 -11.06 6.62
CA GLY B 355 0.25 -9.66 6.98
C GLY B 355 -0.64 -9.51 8.20
N THR B 356 -1.64 -10.38 8.33
CA THR B 356 -2.45 -10.40 9.55
C THR B 356 -1.58 -10.67 10.77
N ASP B 357 -0.67 -11.64 10.65
CA ASP B 357 0.23 -12.00 11.74
C ASP B 357 0.99 -10.78 12.24
N ILE B 358 1.56 -9.99 11.32
CA ILE B 358 2.31 -8.79 11.71
C ILE B 358 1.39 -7.75 12.36
N CYS B 359 0.18 -7.57 11.81
CA CYS B 359 -0.75 -6.59 12.38
C CYS B 359 -1.18 -6.99 13.80
N ILE B 360 -1.51 -8.26 14.01
CA ILE B 360 -1.99 -8.62 15.33
C ILE B 360 -0.84 -8.74 16.32
N MET B 361 0.39 -9.00 15.86
CA MET B 361 1.53 -8.86 16.77
C MET B 361 1.62 -7.42 17.26
N SER B 362 1.46 -6.46 16.34
CA SER B 362 1.72 -5.05 16.66
C SER B 362 0.62 -4.46 17.53
N ALA B 363 -0.64 -4.84 17.29
CA ALA B 363 -1.74 -4.28 18.05
C ALA B 363 -2.08 -5.10 19.30
N LEU B 364 -2.01 -6.43 19.21
CA LEU B 364 -2.59 -7.30 20.24
C LEU B 364 -1.58 -8.17 20.94
N GLY B 365 -0.33 -8.20 20.47
CA GLY B 365 0.62 -9.15 21.01
C GLY B 365 0.37 -10.60 20.64
N SER B 366 -0.55 -10.89 19.71
CA SER B 366 -1.02 -12.22 19.31
C SER B 366 -0.21 -12.74 18.11
N LYS B 367 -0.69 -13.82 17.51
CA LYS B 367 -0.01 -14.39 16.35
C LYS B 367 -0.97 -15.29 15.58
N GLU B 368 -0.68 -15.48 14.28
CA GLU B 368 -1.34 -16.62 13.65
C GLU B 368 -0.60 -17.89 14.02
N ARG B 369 -1.36 -18.99 13.99
CA ARG B 369 -0.88 -20.28 14.46
C ARG B 369 -1.07 -21.35 13.38
N THR B 370 0.01 -22.08 13.09
CA THR B 370 -0.05 -23.28 12.26
C THR B 370 -0.86 -24.37 12.97
N GLN B 371 -1.19 -25.43 12.23
CA GLN B 371 -1.90 -26.54 12.84
C GLN B 371 -1.12 -27.09 14.04
N ARG B 372 0.20 -27.25 13.87
CA ARG B 372 0.98 -27.79 14.98
C ARG B 372 0.97 -26.85 16.17
N GLN B 373 0.92 -25.53 15.90
CA GLN B 373 0.89 -24.58 17.01
C GLN B 373 -0.46 -24.60 17.72
N TRP B 374 -1.56 -24.72 16.96
CA TRP B 374 -2.87 -24.88 17.57
C TRP B 374 -2.92 -26.13 18.45
N GLU B 375 -2.40 -27.25 17.96
CA GLU B 375 -2.44 -28.47 18.77
C GLU B 375 -1.59 -28.34 20.03
N GLU B 376 -0.45 -27.68 19.94
CA GLU B 376 0.35 -27.50 21.15
C GLU B 376 -0.39 -26.63 22.16
N LEU B 377 -1.05 -25.57 21.70
CA LEU B 377 -1.79 -24.72 22.63
C LEU B 377 -2.96 -25.48 23.24
N ALA B 378 -3.72 -26.23 22.42
CA ALA B 378 -4.85 -26.97 22.94
C ALA B 378 -4.42 -28.04 23.92
N ALA B 379 -3.25 -28.66 23.71
CA ALA B 379 -2.78 -29.70 24.63
C ALA B 379 -2.54 -29.15 26.03
N LYS B 380 -2.10 -27.91 26.14
CA LYS B 380 -1.95 -27.36 27.49
C LYS B 380 -3.30 -27.14 28.16
N ALA B 381 -4.39 -27.08 27.41
CA ALA B 381 -5.73 -27.04 27.99
C ALA B 381 -6.31 -28.43 28.23
N GLY B 382 -5.58 -29.49 27.91
CA GLY B 382 -6.09 -30.84 28.07
C GLY B 382 -6.91 -31.35 26.92
N LEU B 383 -6.70 -30.81 25.70
CA LEU B 383 -7.53 -31.17 24.57
C LEU B 383 -6.68 -31.78 23.45
N GLN B 384 -7.35 -32.62 22.65
CA GLN B 384 -6.67 -33.27 21.53
C GLN B 384 -7.46 -33.05 20.26
N LEU B 385 -6.75 -32.91 19.14
CA LEU B 385 -7.44 -32.65 17.88
C LEU B 385 -7.99 -33.95 17.30
N GLN B 386 -9.29 -33.91 17.00
CA GLN B 386 -10.01 -35.04 16.42
C GLN B 386 -10.16 -34.92 14.92
N ALA B 387 -10.36 -33.71 14.42
CA ALA B 387 -10.66 -33.50 13.02
C ALA B 387 -10.38 -32.04 12.69
N LEU B 388 -10.10 -31.79 11.41
CA LEU B 388 -9.84 -30.45 10.91
C LEU B 388 -10.53 -30.33 9.56
N TYR B 389 -11.43 -29.36 9.45
CA TYR B 389 -12.26 -29.19 8.26
C TYR B 389 -11.99 -27.85 7.62
N GLN B 390 -11.07 -27.81 6.65
CA GLN B 390 -10.77 -26.60 5.93
C GLN B 390 -11.98 -26.18 5.09
N TYR B 391 -12.20 -24.85 4.97
CA TYR B 391 -13.31 -24.39 4.14
C TYR B 391 -12.97 -23.17 3.29
N THR B 392 -11.74 -22.65 3.37
CA THR B 392 -11.25 -21.64 2.43
C THR B 392 -9.91 -22.07 1.85
N TRP B 393 -9.64 -21.63 0.62
CA TRP B 393 -8.40 -21.88 -0.12
C TRP B 393 -8.14 -20.67 -1.01
N PRO B 394 -6.87 -20.33 -1.25
CA PRO B 394 -5.63 -20.90 -0.73
C PRO B 394 -5.30 -20.45 0.70
N VAL B 395 -5.82 -19.31 1.15
CA VAL B 395 -5.63 -18.94 2.56
C VAL B 395 -6.47 -19.88 3.41
N VAL B 396 -5.86 -20.49 4.44
CA VAL B 396 -6.47 -21.57 5.19
C VAL B 396 -7.29 -21.02 6.35
N ASN B 397 -8.60 -21.20 6.28
CA ASN B 397 -9.48 -21.17 7.46
C ASN B 397 -10.06 -22.56 7.63
N ALA B 398 -10.15 -23.03 8.87
CA ALA B 398 -10.65 -24.37 9.12
C ALA B 398 -11.38 -24.42 10.47
N ALA B 399 -12.33 -25.34 10.57
CA ALA B 399 -12.94 -25.71 11.84
C ALA B 399 -12.14 -26.86 12.43
N MET B 400 -11.45 -26.60 13.54
CA MET B 400 -10.64 -27.56 14.27
C MET B 400 -11.48 -28.12 15.40
N VAL B 401 -11.68 -29.44 15.48
CA VAL B 401 -12.58 -30.04 16.46
C VAL B 401 -11.73 -30.72 17.52
N PHE B 402 -11.83 -30.25 18.77
CA PHE B 402 -11.02 -30.75 19.87
C PHE B 402 -11.93 -31.43 20.89
N SER B 403 -11.44 -32.53 21.44
CA SER B 403 -12.11 -33.23 22.52
C SER B 403 -11.18 -33.28 23.71
N LEU B 404 -11.73 -33.60 24.88
CA LEU B 404 -10.89 -33.83 26.05
C LEU B 404 -9.85 -34.91 25.78
N GLN B 405 -8.64 -34.68 26.28
CA GLN B 405 -7.51 -35.62 26.19
C GLN B 405 -7.84 -37.02 26.67
N SAM C . 17.06 18.34 -11.25
CA SAM C . 17.39 17.43 -10.19
C SAM C . 17.46 15.97 -10.64
O SAM C . 16.86 15.56 -11.66
OXT SAM C . 18.10 15.17 -9.94
CB SAM C . 16.37 17.52 -9.07
CG SAM C . 16.95 17.12 -7.74
SD SAM C . 15.76 17.32 -6.39
CE SAM C . 14.17 16.75 -7.03
C5' SAM C . 15.59 19.12 -6.22
C4' SAM C . 16.93 19.85 -6.24
O4' SAM C . 16.68 21.24 -6.10
C3' SAM C . 17.86 19.46 -5.09
O3' SAM C . 19.17 19.23 -5.59
C2' SAM C . 17.85 20.67 -4.18
O2' SAM C . 19.05 20.93 -3.53
C1' SAM C . 17.64 21.78 -5.20
N9 SAM C . 17.14 23.02 -4.62
C8 SAM C . 16.17 23.19 -3.65
N7 SAM C . 16.02 24.53 -3.42
C5 SAM C . 16.87 25.20 -4.26
C6 SAM C . 17.12 26.54 -4.46
N6 SAM C . 16.48 27.48 -3.78
N1 SAM C . 18.06 26.90 -5.40
C2 SAM C . 18.75 25.97 -6.12
N3 SAM C . 18.52 24.63 -5.91
C4 SAM C . 17.58 24.26 -5.00
NA NA D . -4.85 13.32 -8.76
C02 B0O E . -7.62 -9.78 13.09
C03 B0O E . -7.78 -8.45 12.38
C04 B0O E . -7.93 -7.13 13.17
C05 B0O E . -7.92 -7.14 14.66
C06 B0O E . -7.99 -5.91 15.53
C07 B0O E . -8.94 -5.69 16.51
C08 B0O E . -8.84 -4.52 17.26
C09 B0O E . -7.82 -3.62 17.05
C10 B0O E . -6.86 -3.85 16.09
C11 B0O E . -6.94 -5.01 15.34
C12 B0O E . -7.74 -8.49 15.33
C15 B0O E . -9.30 -6.33 11.28
C16 B0O E . -10.66 -6.29 11.99
C17 B0O E . -11.09 -7.27 12.77
C18 B0O E . -12.46 -7.16 13.45
C19 B0O E . -9.20 -7.56 10.65
C20 B0O E . -7.82 -8.33 10.98
C21 B0O E . -6.60 -7.53 10.41
C22 B0O E . -5.30 -8.14 10.85
C23 B0O E . -6.65 -7.42 8.82
C24 B0O E . -8.12 -7.03 8.26
C25 B0O E . -9.37 -7.50 9.07
N13 B0O E . -7.61 -9.79 14.56
O01 B0O E . -7.50 -10.80 12.49
O14 B0O E . -8.12 -5.98 12.40
N SAM F . -17.01 -15.00 16.34
CA SAM F . -17.74 -13.88 15.70
C SAM F . -17.65 -13.90 14.17
O SAM F . -18.15 -12.96 13.55
OXT SAM F . -17.09 -14.82 13.54
CB SAM F . -17.27 -12.49 16.15
CG SAM F . -15.77 -12.22 16.11
SD SAM F . -15.20 -10.55 16.58
CE SAM F . -13.58 -10.77 15.77
C5' SAM F . -14.83 -10.84 18.32
C4' SAM F . -16.10 -10.90 19.16
O4' SAM F . -15.69 -11.18 20.50
C3' SAM F . -16.91 -9.60 19.21
O3' SAM F . -18.30 -9.81 18.92
C2' SAM F . -16.77 -9.12 20.64
O2' SAM F . -17.90 -8.44 21.17
C1' SAM F . -16.53 -10.44 21.36
N9 SAM F . -15.83 -10.27 22.64
C8 SAM F . -14.73 -9.49 22.91
N7 SAM F . -14.44 -9.66 24.23
C5 SAM F . -15.33 -10.55 24.77
C6 SAM F . -15.50 -11.09 26.05
N6 SAM F . -14.69 -10.77 27.06
N1 SAM F . -16.51 -11.99 26.25
C2 SAM F . -17.38 -12.33 25.25
N3 SAM F . -17.22 -11.82 23.98
C4 SAM F . -16.21 -10.92 23.77
C1 GOL G . -21.22 -1.22 -10.91
O1 GOL G . -21.37 -0.31 -9.84
C2 GOL G . -19.95 -2.05 -10.70
O2 GOL G . -20.29 -3.31 -10.16
C3 GOL G . -19.24 -2.21 -12.04
O3 GOL G . -18.38 -3.33 -12.04
CL CL H . -9.02 -15.22 5.85
#